data_4NRS
#
_entry.id   4NRS
#
_cell.length_a   51.622
_cell.length_b   175.847
_cell.length_c   56.295
_cell.angle_alpha   90.00
_cell.angle_beta   104.34
_cell.angle_gamma   90.00
#
_symmetry.space_group_name_H-M   'P 1 21 1'
#
loop_
_entity.id
_entity.type
_entity.pdbx_description
1 polymer Exo-beta-1,4-mannosidase
2 branched beta-D-mannopyranose-(1-4)-alpha-D-mannopyranose
3 water water
#
_entity_poly.entity_id   1
_entity_poly.type   'polypeptide(L)'
_entity_poly.pdbx_seq_one_letter_code
;MGSSHHHHHHSSGLVPRGSHMASMTGGQQMGRGSEFAFVKIASDGKGFTRYGEPYLIRGANYWQGMNLGADDCSGGDRKR
MELEIKQMAEMGINNLRVMASSEGPDDQPYRMRPSMMPQPGKYNEGVFVGLDYLLDTMDRYNMTAVMTLGNFWQWSGGFG
QYVAWITGNQTIPYPVGDVTYDEFTQFAARFYNDSEIAPKANKLFKDHIYTVQNRRNTVNGKIYKEDPVIMSWQIANAPQ
EAPASWFEEISTFIKKGAPKHLVSAGLESKLDEYDFDRAHDHKNIDYTTCHCWVENWGIYDPADPDGLPHANEYMHDFLE
SRSKWAAQLNKPIVMEEFGMARDAWRNPEDETYKYLPSTPTSHKDEYYQKAFNQIVSLASNRSFSGSNFWAYGGEGRSTY
PPNPYGMVWLGDPPHEPHGWYSVYSNDTTVQIIKDYNANLLKVQKELSK
;
_entity_poly.pdbx_strand_id   A,B
#
loop_
_chem_comp.id
_chem_comp.type
_chem_comp.name
_chem_comp.formula
BMA D-saccharide, beta linking beta-D-mannopyranose 'C6 H12 O6'
MAN D-saccharide, alpha linking alpha-D-mannopyranose 'C6 H12 O6'
#
# COMPACT_ATOMS: atom_id res chain seq x y z
N SER A 34 5.34 31.06 35.78
CA SER A 34 5.99 29.77 35.37
C SER A 34 5.36 29.32 34.03
N GLU A 35 4.02 29.41 33.97
CA GLU A 35 3.17 29.02 32.83
C GLU A 35 2.82 30.19 31.92
N PHE A 36 3.81 31.05 31.66
CA PHE A 36 3.58 32.30 30.94
C PHE A 36 3.23 32.01 29.48
N ALA A 37 3.66 30.84 29.02
CA ALA A 37 3.72 30.53 27.61
C ALA A 37 2.57 29.64 27.07
N PHE A 38 1.71 29.12 27.96
CA PHE A 38 0.57 28.30 27.51
C PHE A 38 -0.54 29.21 27.07
N VAL A 39 -1.10 28.90 25.93
CA VAL A 39 -2.27 29.63 25.44
C VAL A 39 -3.43 29.36 26.40
N LYS A 40 -4.17 30.42 26.72
CA LYS A 40 -5.30 30.40 27.64
C LYS A 40 -6.51 31.07 26.98
N ILE A 41 -7.69 30.91 27.59
CA ILE A 41 -8.88 31.76 27.27
C ILE A 41 -8.77 33.08 28.04
N ALA A 42 -9.23 34.20 27.48
CA ALA A 42 -9.22 35.46 28.25
C ALA A 42 -10.36 35.39 29.28
N SER A 43 -10.30 36.22 30.33
CA SER A 43 -11.21 35.99 31.45
C SER A 43 -12.64 36.45 31.15
N ASP A 44 -12.78 37.36 30.19
CA ASP A 44 -14.09 37.73 29.65
C ASP A 44 -14.66 36.69 28.66
N GLY A 45 -13.80 35.80 28.15
CA GLY A 45 -14.22 34.70 27.26
C GLY A 45 -14.45 35.06 25.79
N LYS A 46 -13.79 36.10 25.30
CA LYS A 46 -14.03 36.56 23.95
C LYS A 46 -12.82 36.37 22.99
N GLY A 47 -11.70 35.85 23.51
CA GLY A 47 -10.53 35.46 22.70
C GLY A 47 -9.49 34.66 23.49
N PHE A 48 -8.29 34.53 22.92
CA PHE A 48 -7.19 33.74 23.50
C PHE A 48 -6.12 34.64 24.09
N THR A 49 -5.45 34.22 25.17
CA THR A 49 -4.23 34.94 25.59
C THR A 49 -2.98 34.07 25.61
N ARG A 50 -1.83 34.68 25.32
CA ARG A 50 -0.52 34.06 25.56
C ARG A 50 0.48 35.16 25.88
N TYR A 51 1.44 34.90 26.79
CA TYR A 51 2.45 35.90 27.25
C TYR A 51 1.77 37.19 27.81
N GLY A 52 0.60 36.99 28.41
CA GLY A 52 -0.20 38.09 28.94
C GLY A 52 -0.84 39.02 27.92
N GLU A 53 -1.05 38.55 26.68
CA GLU A 53 -1.60 39.43 25.65
C GLU A 53 -2.57 38.72 24.76
N PRO A 54 -3.45 39.47 24.11
CA PRO A 54 -4.34 38.80 23.14
C PRO A 54 -3.58 37.91 22.09
N TYR A 55 -4.25 36.86 21.60
CA TYR A 55 -3.60 35.92 20.69
C TYR A 55 -4.58 35.46 19.59
N LEU A 56 -4.29 35.89 18.36
CA LEU A 56 -5.08 35.57 17.18
C LEU A 56 -4.42 34.49 16.25
N ILE A 57 -5.29 33.68 15.62
CA ILE A 57 -4.87 32.46 14.95
C ILE A 57 -4.60 32.68 13.48
N ARG A 58 -3.30 32.80 13.11
CA ARG A 58 -2.90 32.94 11.72
C ARG A 58 -2.46 31.54 11.27
N GLY A 59 -3.46 30.73 10.88
CA GLY A 59 -3.32 29.27 10.82
C GLY A 59 -3.27 28.58 9.46
N ALA A 60 -2.99 27.28 9.49
CA ALA A 60 -2.94 26.39 8.33
C ALA A 60 -3.09 24.96 8.84
N ASN A 61 -3.63 24.06 8.00
CA ASN A 61 -3.62 22.61 8.25
C ASN A 61 -2.38 21.91 7.66
N TYR A 62 -1.76 21.05 8.46
CA TYR A 62 -0.57 20.29 7.99
C TYR A 62 -0.55 18.86 8.59
N TRP A 63 -1.65 18.13 8.38
CA TRP A 63 -1.83 16.72 8.83
C TRP A 63 -0.77 15.75 8.36
N GLN A 64 -0.12 16.04 7.23
CA GLN A 64 0.93 15.13 6.72
C GLN A 64 2.31 15.32 7.38
N GLY A 65 2.39 16.17 8.38
CA GLY A 65 3.66 16.49 9.01
C GLY A 65 4.41 15.34 9.68
N MET A 66 3.71 14.54 10.50
CA MET A 66 4.32 13.45 11.26
C MET A 66 5.00 12.47 10.29
N ASN A 67 4.30 12.10 9.24
CA ASN A 67 4.86 11.20 8.23
C ASN A 67 6.08 11.76 7.46
N LEU A 68 6.12 13.09 7.19
CA LEU A 68 7.28 13.64 6.49
C LEU A 68 8.48 13.83 7.39
N GLY A 69 8.21 13.90 8.69
CA GLY A 69 9.23 13.98 9.71
C GLY A 69 9.98 12.70 10.04
N ALA A 70 9.44 11.54 9.63
CA ALA A 70 10.06 10.22 9.89
C ALA A 70 11.40 10.02 9.15
N ASP A 71 12.25 9.09 9.60
CA ASP A 71 13.48 8.79 8.84
C ASP A 71 13.22 8.17 7.44
N ASP A 72 14.19 8.25 6.54
CA ASP A 72 14.00 7.71 5.18
C ASP A 72 13.55 6.22 5.18
N CYS A 73 14.07 5.42 6.10
CA CYS A 73 13.65 4.04 6.19
CA CYS A 73 13.66 4.02 6.32
C CYS A 73 12.16 3.82 6.44
N SER A 74 11.48 4.81 7.03
CA SER A 74 10.00 4.76 7.23
C SER A 74 9.18 5.66 6.28
N GLY A 75 9.76 6.09 5.16
CA GLY A 75 9.01 6.81 4.13
C GLY A 75 8.92 8.32 4.36
N GLY A 76 9.76 8.84 5.27
CA GLY A 76 9.87 10.27 5.57
C GLY A 76 10.69 11.05 4.58
N ASP A 77 10.82 12.36 4.81
CA ASP A 77 11.65 13.29 4.01
C ASP A 77 11.77 14.53 4.90
N ARG A 78 12.64 14.42 5.89
CA ARG A 78 12.82 15.43 6.93
C ARG A 78 13.38 16.77 6.44
N LYS A 79 14.28 16.76 5.44
CA LYS A 79 14.81 18.01 4.87
C LYS A 79 13.67 18.79 4.15
N ARG A 80 12.73 18.06 3.55
CA ARG A 80 11.57 18.70 2.92
C ARG A 80 10.65 19.31 3.98
N MET A 81 10.37 18.55 5.04
CA MET A 81 9.55 19.06 6.13
CA MET A 81 9.55 19.08 6.13
C MET A 81 10.16 20.36 6.71
N GLU A 82 11.43 20.30 7.10
CA GLU A 82 12.11 21.51 7.59
C GLU A 82 11.94 22.71 6.66
N LEU A 83 12.16 22.51 5.36
CA LEU A 83 11.92 23.58 4.38
C LEU A 83 10.45 24.05 4.31
N GLU A 84 9.49 23.15 4.38
CA GLU A 84 8.07 23.54 4.24
C GLU A 84 7.59 24.41 5.44
N ILE A 85 8.23 24.21 6.60
CA ILE A 85 7.89 24.98 7.79
CA ILE A 85 7.94 24.96 7.83
C ILE A 85 8.48 26.39 7.70
N LYS A 86 9.69 26.50 7.18
CA LYS A 86 10.28 27.77 6.87
C LYS A 86 9.36 28.57 5.98
N GLN A 87 8.96 27.99 4.83
CA GLN A 87 8.04 28.67 3.89
C GLN A 87 6.79 29.21 4.63
N MET A 88 6.27 28.44 5.55
CA MET A 88 5.10 28.89 6.30
C MET A 88 5.40 30.05 7.28
N ALA A 89 6.51 29.97 8.02
CA ALA A 89 6.90 31.07 8.91
C ALA A 89 7.03 32.34 8.09
N GLU A 90 7.77 32.26 6.98
CA GLU A 90 7.96 33.40 6.09
C GLU A 90 6.67 33.98 5.55
N MET A 91 5.59 33.19 5.49
CA MET A 91 4.32 33.75 5.04
C MET A 91 3.42 34.21 6.17
N GLY A 92 3.95 34.16 7.39
CA GLY A 92 3.28 34.78 8.52
C GLY A 92 2.40 33.89 9.38
N ILE A 93 2.64 32.57 9.33
CA ILE A 93 1.83 31.57 10.04
CA ILE A 93 1.84 31.56 10.04
C ILE A 93 2.32 31.30 11.47
N ASN A 94 1.41 31.35 12.45
CA ASN A 94 1.78 31.11 13.86
C ASN A 94 1.20 29.83 14.46
N ASN A 95 0.26 29.23 13.75
CA ASN A 95 -0.48 28.06 14.26
C ASN A 95 -0.65 26.99 13.17
N LEU A 96 -0.38 25.72 13.53
CA LEU A 96 -0.64 24.53 12.65
C LEU A 96 -1.57 23.51 13.32
N ARG A 97 -2.58 23.04 12.61
CA ARG A 97 -3.41 21.94 13.06
C ARG A 97 -2.86 20.64 12.44
N VAL A 98 -2.38 19.75 13.29
CA VAL A 98 -1.71 18.56 12.83
C VAL A 98 -2.44 17.27 13.30
N MET A 99 -2.18 16.15 12.61
CA MET A 99 -2.70 14.83 13.01
C MET A 99 -1.72 13.97 13.89
N ALA A 100 -2.21 13.51 15.05
CA ALA A 100 -1.44 12.84 16.11
C ALA A 100 -1.99 11.43 16.38
N SER A 101 -2.46 10.77 15.32
CA SER A 101 -2.92 9.38 15.38
C SER A 101 -2.87 8.77 13.97
N SER A 102 -2.80 7.44 13.87
CA SER A 102 -3.19 6.73 12.66
C SER A 102 -3.05 5.23 12.84
N GLU A 103 -4.09 4.51 12.38
CA GLU A 103 -4.31 3.09 12.71
C GLU A 103 -4.01 2.12 11.53
N GLY A 104 -3.28 1.05 11.80
CA GLY A 104 -3.15 -0.03 10.82
C GLY A 104 -4.45 -0.83 10.74
N PRO A 105 -4.40 -2.03 10.10
CA PRO A 105 -3.16 -2.59 9.53
C PRO A 105 -2.75 -1.95 8.18
N ASP A 106 -1.48 -2.17 7.82
CA ASP A 106 -0.86 -1.51 6.69
C ASP A 106 -1.16 -2.12 5.32
N ASP A 107 -2.25 -2.90 5.21
CA ASP A 107 -2.63 -3.49 3.92
C ASP A 107 -3.96 -2.93 3.43
N GLN A 108 -4.30 -1.72 3.86
CA GLN A 108 -5.59 -1.10 3.59
C GLN A 108 -5.46 0.07 2.62
N PRO A 109 -6.44 0.21 1.69
CA PRO A 109 -6.45 1.35 0.73
C PRO A 109 -7.01 2.62 1.42
N TYR A 110 -6.78 3.78 0.82
CA TYR A 110 -7.34 5.07 1.26
C TYR A 110 -6.79 5.66 2.55
N ARG A 111 -5.64 5.18 3.01
CA ARG A 111 -5.09 5.67 4.29
C ARG A 111 -3.58 5.91 4.29
N MET A 112 -3.13 6.80 5.20
CA MET A 112 -1.74 7.02 5.49
C MET A 112 -0.98 5.70 5.69
N ARG A 113 0.17 5.54 5.03
CA ARG A 113 1.01 4.35 5.25
C ARG A 113 2.48 4.78 5.23
N PRO A 114 3.33 4.27 6.16
CA PRO A 114 3.07 3.31 7.24
C PRO A 114 2.27 3.92 8.38
N SER A 115 1.48 3.10 9.09
CA SER A 115 0.70 3.60 10.22
C SER A 115 1.53 3.88 11.50
N MET A 116 0.98 4.74 12.37
CA MET A 116 1.58 5.09 13.62
C MET A 116 1.38 3.94 14.61
N MET A 117 0.15 3.41 14.63
CA MET A 117 -0.25 2.37 15.58
C MET A 117 -0.88 1.22 14.80
N PRO A 118 -0.05 0.33 14.22
CA PRO A 118 -0.50 -0.75 13.31
C PRO A 118 -1.45 -1.73 13.93
N GLN A 119 -1.32 -1.94 15.24
CA GLN A 119 -2.28 -2.69 16.02
C GLN A 119 -2.42 -2.06 17.40
N PRO A 120 -3.57 -2.29 18.06
CA PRO A 120 -3.82 -1.59 19.34
C PRO A 120 -2.68 -1.71 20.38
N GLY A 121 -2.25 -0.58 20.93
CA GLY A 121 -1.12 -0.57 21.86
C GLY A 121 0.24 -0.80 21.22
N LYS A 122 0.32 -1.17 19.94
CA LYS A 122 1.62 -1.41 19.31
C LYS A 122 1.94 -0.31 18.32
N TYR A 123 3.10 0.29 18.50
CA TYR A 123 3.46 1.53 17.78
C TYR A 123 4.60 1.37 16.80
N ASN A 124 4.51 2.02 15.65
CA ASN A 124 5.65 2.18 14.80
C ASN A 124 6.53 3.36 15.26
N GLU A 125 7.64 3.08 15.94
CA GLU A 125 8.54 4.10 16.53
C GLU A 125 9.19 5.06 15.51
N GLY A 126 9.47 4.53 14.33
CA GLY A 126 9.96 5.37 13.24
C GLY A 126 9.02 6.53 12.89
N VAL A 127 7.71 6.27 13.00
CA VAL A 127 6.64 7.26 12.68
C VAL A 127 6.44 8.21 13.85
N PHE A 128 6.40 7.67 15.07
CA PHE A 128 6.42 8.48 16.31
C PHE A 128 7.54 9.51 16.34
N VAL A 129 8.77 9.10 16.05
CA VAL A 129 9.91 10.04 15.95
C VAL A 129 9.65 11.22 14.99
N GLY A 130 8.96 10.95 13.89
CA GLY A 130 8.51 12.01 12.99
C GLY A 130 7.72 13.11 13.68
N LEU A 131 6.84 12.73 14.62
CA LEU A 131 6.02 13.71 15.37
C LEU A 131 6.85 14.57 16.34
N ASP A 132 7.79 13.93 17.06
CA ASP A 132 8.86 14.59 17.83
C ASP A 132 9.52 15.71 17.03
N TYR A 133 9.97 15.37 15.83
CA TYR A 133 10.61 16.33 14.96
C TYR A 133 9.71 17.48 14.52
N LEU A 134 8.47 17.18 14.15
CA LEU A 134 7.50 18.21 13.80
C LEU A 134 7.36 19.26 14.92
N LEU A 135 7.18 18.80 16.15
CA LEU A 135 6.99 19.71 17.26
C LEU A 135 8.25 20.47 17.64
N ASP A 136 9.41 19.89 17.35
CA ASP A 136 10.66 20.58 17.58
C ASP A 136 10.94 21.69 16.56
N THR A 137 10.61 21.46 15.30
CA THR A 137 10.79 22.48 14.30
C THR A 137 9.88 23.64 14.59
N MET A 138 8.59 23.31 14.79
CA MET A 138 7.56 24.30 15.14
C MET A 138 8.02 25.26 16.21
N ASP A 139 8.62 24.69 17.25
CA ASP A 139 9.24 25.43 18.34
C ASP A 139 10.25 26.45 17.78
N ARG A 140 11.23 25.98 17.00
CA ARG A 140 12.27 26.92 16.55
C ARG A 140 11.74 28.04 15.70
N TYR A 141 10.48 27.92 15.27
CA TYR A 141 9.82 28.97 14.50
C TYR A 141 8.70 29.70 15.28
N ASN A 142 8.65 29.47 16.59
CA ASN A 142 7.66 30.15 17.44
C ASN A 142 6.19 29.91 16.99
N MET A 143 5.85 28.65 16.69
CA MET A 143 4.49 28.29 16.27
C MET A 143 3.80 27.43 17.33
N THR A 144 2.48 27.41 17.35
CA THR A 144 1.79 26.50 18.28
C THR A 144 0.98 25.46 17.53
N ALA A 145 0.70 24.33 18.18
CA ALA A 145 0.01 23.20 17.55
C ALA A 145 -1.36 22.82 18.17
N VAL A 146 -2.33 22.55 17.29
CA VAL A 146 -3.58 21.89 17.65
C VAL A 146 -3.43 20.39 17.37
N MET A 147 -3.46 19.56 18.42
CA MET A 147 -3.14 18.11 18.31
C MET A 147 -4.40 17.25 18.17
N THR A 148 -4.66 16.72 16.96
CA THR A 148 -5.91 15.96 16.67
C THR A 148 -5.66 14.51 17.01
N LEU A 149 -6.49 13.93 17.87
CA LEU A 149 -6.18 12.63 18.46
C LEU A 149 -6.90 11.46 17.80
N GLY A 150 -7.86 11.76 16.91
CA GLY A 150 -8.64 10.72 16.22
C GLY A 150 -9.27 11.27 14.96
N ASN A 151 -9.89 10.40 14.15
CA ASN A 151 -10.52 10.81 12.89
C ASN A 151 -11.90 10.14 12.74
N PHE A 152 -12.95 10.87 12.37
CA PHE A 152 -14.19 10.14 12.03
C PHE A 152 -14.06 9.50 10.64
N TRP A 153 -13.23 10.08 9.78
CA TRP A 153 -13.07 9.58 8.40
C TRP A 153 -11.97 8.56 8.23
N GLN A 154 -11.91 7.98 7.04
CA GLN A 154 -11.19 6.74 6.80
C GLN A 154 -9.68 6.86 6.48
N TRP A 155 -9.17 8.10 6.35
CA TRP A 155 -7.83 8.31 5.78
C TRP A 155 -6.66 8.18 6.72
N SER A 156 -6.97 7.90 7.98
CA SER A 156 -5.97 7.58 8.99
C SER A 156 -6.48 6.37 9.80
N GLY A 157 -7.44 5.66 9.19
CA GLY A 157 -8.07 4.52 9.84
C GLY A 157 -9.29 5.02 10.56
N GLY A 158 -9.06 5.69 11.71
CA GLY A 158 -10.14 6.35 12.44
C GLY A 158 -11.16 5.41 13.12
N PHE A 159 -12.34 5.97 13.41
CA PHE A 159 -13.43 5.30 14.16
C PHE A 159 -13.91 3.98 13.54
N GLY A 160 -13.94 3.94 12.19
CA GLY A 160 -14.23 2.72 11.42
C GLY A 160 -13.28 1.55 11.73
N GLN A 161 -11.99 1.85 11.85
CA GLN A 161 -11.00 0.83 12.24
C GLN A 161 -11.20 0.30 13.66
N TYR A 162 -11.43 1.19 14.62
CA TYR A 162 -11.72 0.81 16.02
C TYR A 162 -12.90 -0.16 16.06
N VAL A 163 -14.00 0.15 15.36
CA VAL A 163 -15.12 -0.75 15.27
C VAL A 163 -14.73 -2.11 14.65
N ALA A 164 -13.97 -2.07 13.55
CA ALA A 164 -13.52 -3.32 12.93
C ALA A 164 -12.72 -4.20 13.91
N TRP A 165 -11.85 -3.56 14.68
CA TRP A 165 -11.02 -4.28 15.64
C TRP A 165 -11.83 -5.01 16.70
N ILE A 166 -12.97 -4.42 17.08
CA ILE A 166 -13.87 -4.92 18.12
C ILE A 166 -14.80 -6.03 17.60
N THR A 167 -15.41 -5.84 16.44
CA THR A 167 -16.26 -6.90 15.86
C THR A 167 -15.46 -8.05 15.20
N GLY A 168 -14.13 -7.89 15.09
CA GLY A 168 -13.29 -8.83 14.34
C GLY A 168 -13.52 -8.93 12.83
N ASN A 169 -14.32 -8.02 12.23
CA ASN A 169 -14.58 -8.05 10.78
C ASN A 169 -13.87 -6.90 10.05
N GLN A 170 -12.73 -7.19 9.45
CA GLN A 170 -11.90 -6.18 8.75
C GLN A 170 -12.44 -5.68 7.39
N THR A 171 -13.69 -5.99 7.06
CA THR A 171 -14.23 -5.52 5.80
C THR A 171 -15.03 -4.26 6.00
N ILE A 172 -14.35 -3.13 6.16
CA ILE A 172 -15.01 -1.84 6.33
C ILE A 172 -15.72 -1.41 5.05
N PRO A 173 -17.02 -0.99 5.15
CA PRO A 173 -17.70 -0.58 3.91
C PRO A 173 -17.21 0.77 3.37
N TYR A 174 -15.99 0.81 2.83
CA TYR A 174 -15.46 2.03 2.15
C TYR A 174 -16.45 2.56 1.09
N PRO A 175 -16.69 3.91 1.05
CA PRO A 175 -17.70 4.51 0.15
C PRO A 175 -17.14 4.73 -1.26
N VAL A 176 -17.07 3.67 -2.05
CA VAL A 176 -16.64 3.73 -3.46
C VAL A 176 -17.60 2.82 -4.19
N GLY A 177 -17.67 2.94 -5.51
CA GLY A 177 -18.58 2.12 -6.30
C GLY A 177 -20.02 2.34 -5.88
N ASP A 178 -20.62 1.31 -5.32
CA ASP A 178 -21.99 1.41 -4.86
C ASP A 178 -22.16 1.98 -3.47
N VAL A 179 -21.22 1.71 -2.57
CA VAL A 179 -21.39 2.13 -1.16
C VAL A 179 -21.40 3.68 -1.09
N THR A 180 -22.48 4.22 -0.52
CA THR A 180 -22.72 5.65 -0.39
C THR A 180 -22.13 6.12 0.93
N TYR A 181 -21.92 7.44 1.06
CA TYR A 181 -21.45 8.03 2.34
C TYR A 181 -22.29 7.73 3.59
N ASP A 182 -23.62 7.77 3.45
CA ASP A 182 -24.57 7.51 4.57
C ASP A 182 -24.41 6.10 5.16
N GLU A 183 -24.14 5.14 4.28
CA GLU A 183 -23.87 3.77 4.64
C GLU A 183 -22.55 3.61 5.42
N PHE A 184 -21.50 4.32 5.01
CA PHE A 184 -20.26 4.25 5.73
C PHE A 184 -20.41 4.99 7.05
N THR A 185 -21.03 6.17 7.01
CA THR A 185 -21.29 6.95 8.23
C THR A 185 -21.98 6.13 9.34
N GLN A 186 -23.07 5.42 8.98
CA GLN A 186 -23.81 4.61 9.95
C GLN A 186 -22.95 3.46 10.50
N PHE A 187 -21.95 3.01 9.74
CA PHE A 187 -21.00 1.97 10.25
C PHE A 187 -20.06 2.52 11.33
N ALA A 188 -19.34 3.63 11.05
CA ALA A 188 -18.40 4.24 12.00
C ALA A 188 -19.05 4.81 13.29
N ALA A 189 -20.24 5.36 13.12
CA ALA A 189 -21.02 5.94 14.22
C ALA A 189 -21.24 4.96 15.39
N ARG A 190 -21.11 3.65 15.13
CA ARG A 190 -21.25 2.66 16.19
C ARG A 190 -20.19 2.77 17.29
N PHE A 191 -19.02 3.32 16.95
CA PHE A 191 -17.97 3.66 17.92
C PHE A 191 -18.51 4.31 19.21
N TYR A 192 -19.56 5.12 19.09
CA TYR A 192 -20.23 5.73 20.25
C TYR A 192 -21.78 5.50 20.34
N ASN A 193 -22.42 4.99 19.30
CA ASN A 193 -23.88 4.74 19.33
C ASN A 193 -24.36 3.32 19.63
N ASP A 194 -23.46 2.33 19.52
CA ASP A 194 -23.75 0.92 19.82
C ASP A 194 -23.39 0.59 21.28
N SER A 195 -24.36 0.11 22.04
CA SER A 195 -24.20 0.00 23.50
C SER A 195 -23.26 -1.12 23.93
N GLU A 196 -22.94 -2.01 23.00
CA GLU A 196 -21.95 -3.06 23.29
C GLU A 196 -20.56 -2.75 22.72
N ILE A 197 -20.53 -2.15 21.53
CA ILE A 197 -19.27 -1.77 20.89
C ILE A 197 -18.55 -0.60 21.60
N ALA A 198 -19.31 0.44 21.93
CA ALA A 198 -18.76 1.72 22.42
C ALA A 198 -17.76 1.61 23.57
N PRO A 199 -18.15 0.88 24.66
CA PRO A 199 -17.29 0.84 25.85
C PRO A 199 -15.89 0.27 25.51
N LYS A 200 -15.89 -0.82 24.75
CA LYS A 200 -14.66 -1.46 24.30
C LYS A 200 -13.79 -0.56 23.35
N ALA A 201 -14.44 -0.05 22.32
CA ALA A 201 -13.87 0.90 21.41
C ALA A 201 -13.19 2.03 22.20
N ASN A 202 -13.93 2.61 23.15
CA ASN A 202 -13.45 3.77 23.85
C ASN A 202 -12.30 3.47 24.79
N LYS A 203 -12.25 2.24 25.33
CA LYS A 203 -11.14 1.90 26.19
C LYS A 203 -9.81 1.97 25.44
N LEU A 204 -9.75 1.35 24.25
CA LEU A 204 -8.55 1.39 23.38
C LEU A 204 -8.23 2.80 22.92
N PHE A 205 -9.28 3.55 22.58
CA PHE A 205 -9.14 4.96 22.19
C PHE A 205 -8.42 5.74 23.32
N LYS A 206 -8.87 5.54 24.56
CA LYS A 206 -8.23 6.14 25.72
C LYS A 206 -6.75 5.78 25.86
N ASP A 207 -6.41 4.52 25.62
CA ASP A 207 -5.03 4.08 25.75
C ASP A 207 -4.10 4.90 24.88
N HIS A 208 -4.60 5.26 23.70
CA HIS A 208 -3.81 6.02 22.77
C HIS A 208 -3.54 7.44 23.29
N ILE A 209 -4.61 8.12 23.73
CA ILE A 209 -4.51 9.49 24.25
C ILE A 209 -3.51 9.60 25.40
N TYR A 210 -3.61 8.63 26.30
CA TYR A 210 -2.68 8.53 27.41
C TYR A 210 -1.23 8.47 26.90
N THR A 211 -1.00 7.66 25.86
CA THR A 211 0.35 7.43 25.35
C THR A 211 0.92 8.70 24.77
N VAL A 212 0.10 9.41 24.02
CA VAL A 212 0.58 10.65 23.40
C VAL A 212 0.81 11.76 24.45
N GLN A 213 -0.13 11.88 25.40
CA GLN A 213 -0.06 12.98 26.37
C GLN A 213 1.21 12.87 27.19
N ASN A 214 1.73 11.62 27.27
CA ASN A 214 2.86 11.27 28.11
C ASN A 214 4.14 11.03 27.29
N ARG A 215 4.09 11.22 25.99
CA ARG A 215 5.29 10.96 25.20
C ARG A 215 6.40 11.92 25.61
N ARG A 216 7.62 11.40 25.73
CA ARG A 216 8.79 12.24 25.88
C ARG A 216 9.35 12.52 24.51
N ASN A 217 9.40 13.80 24.13
CA ASN A 217 10.05 14.22 22.87
C ASN A 217 11.54 13.80 22.84
N THR A 218 11.88 12.86 21.95
CA THR A 218 13.24 12.30 21.88
C THR A 218 14.26 13.33 21.36
N VAL A 219 13.74 14.37 20.69
CA VAL A 219 14.59 15.43 20.09
C VAL A 219 14.96 16.54 21.09
N ASN A 220 14.02 16.89 21.98
CA ASN A 220 14.33 17.93 22.97
C ASN A 220 13.95 17.67 24.44
N GLY A 221 13.71 16.42 24.82
CA GLY A 221 13.45 16.11 26.23
C GLY A 221 12.07 16.40 26.82
N LYS A 222 11.32 17.37 26.27
CA LYS A 222 10.02 17.77 26.89
C LYS A 222 9.00 16.66 26.89
N ILE A 223 8.23 16.50 27.97
CA ILE A 223 7.05 15.61 27.97
C ILE A 223 5.90 16.39 27.31
N TYR A 224 5.20 15.74 26.39
CA TYR A 224 4.11 16.43 25.64
C TYR A 224 3.13 17.29 26.51
N LYS A 225 2.70 16.75 27.64
CA LYS A 225 1.75 17.50 28.47
C LYS A 225 2.34 18.73 29.23
N GLU A 226 3.67 18.86 29.22
CA GLU A 226 4.38 19.99 29.84
C GLU A 226 4.95 20.88 28.75
N ASP A 227 4.44 20.77 27.53
CA ASP A 227 5.05 21.49 26.41
C ASP A 227 4.15 22.63 25.94
N PRO A 228 4.61 23.91 26.13
CA PRO A 228 3.85 25.10 25.78
C PRO A 228 3.71 25.29 24.28
N VAL A 229 4.37 24.42 23.51
CA VAL A 229 4.28 24.49 22.05
C VAL A 229 2.92 23.96 21.58
N ILE A 230 2.32 23.07 22.36
CA ILE A 230 0.97 22.58 22.13
C ILE A 230 -0.02 23.56 22.71
N MET A 231 -0.83 24.15 21.84
CA MET A 231 -1.96 25.01 22.19
C MET A 231 -3.11 24.22 22.80
N SER A 232 -3.51 23.11 22.17
CA SER A 232 -4.65 22.32 22.65
C SER A 232 -4.71 20.81 22.25
N TRP A 233 -5.49 20.01 22.98
CA TRP A 233 -5.79 18.65 22.59
C TRP A 233 -7.19 18.60 22.00
N GLN A 234 -7.28 18.14 20.75
CA GLN A 234 -8.58 18.03 20.03
C GLN A 234 -9.05 16.57 19.92
N ILE A 235 -10.26 16.31 20.43
CA ILE A 235 -10.84 14.96 20.53
C ILE A 235 -10.70 14.23 19.21
N ALA A 236 -11.41 14.70 18.17
CA ALA A 236 -11.38 14.02 16.86
C ALA A 236 -11.74 14.94 15.68
N ASN A 237 -11.28 14.56 14.49
CA ASN A 237 -11.75 15.26 13.33
C ASN A 237 -13.20 14.92 12.94
N ALA A 238 -14.10 15.87 13.16
CA ALA A 238 -15.42 15.88 12.57
C ALA A 238 -16.32 14.73 12.99
N PRO A 239 -16.58 14.59 14.29
CA PRO A 239 -17.58 13.60 14.76
C PRO A 239 -18.97 13.87 14.19
N GLN A 240 -19.63 12.81 13.71
CA GLN A 240 -20.95 12.86 13.09
C GLN A 240 -22.10 12.47 14.03
N GLU A 241 -22.75 13.48 14.58
CA GLU A 241 -23.91 13.30 15.48
C GLU A 241 -23.64 12.32 16.64
N ALA A 242 -22.61 12.66 17.40
CA ALA A 242 -22.23 12.00 18.60
C ALA A 242 -23.18 12.53 19.69
N PRO A 243 -23.43 11.75 20.77
CA PRO A 243 -24.28 12.28 21.83
C PRO A 243 -23.52 13.13 22.87
N ALA A 244 -24.23 14.04 23.54
CA ALA A 244 -23.63 14.99 24.45
C ALA A 244 -22.84 14.34 25.58
N SER A 245 -23.40 13.26 26.11
CA SER A 245 -22.74 12.54 27.19
C SER A 245 -21.36 12.07 26.76
N TRP A 246 -21.22 11.69 25.49
CA TRP A 246 -19.92 11.24 24.98
C TRP A 246 -18.89 12.37 25.00
N PHE A 247 -19.27 13.53 24.46
CA PHE A 247 -18.44 14.74 24.55
C PHE A 247 -18.08 15.11 25.98
N GLU A 248 -19.04 14.92 26.88
CA GLU A 248 -18.87 15.27 28.30
CA GLU A 248 -18.87 15.27 28.30
C GLU A 248 -17.75 14.44 28.95
N GLU A 249 -17.80 13.14 28.73
CA GLU A 249 -16.82 12.28 29.38
C GLU A 249 -15.43 12.34 28.75
N ILE A 250 -15.40 12.41 27.42
CA ILE A 250 -14.12 12.50 26.74
C ILE A 250 -13.34 13.79 27.07
N SER A 251 -14.04 14.92 27.12
CA SER A 251 -13.33 16.16 27.36
C SER A 251 -12.71 16.13 28.77
N THR A 252 -13.51 15.68 29.73
CA THR A 252 -13.04 15.58 31.10
C THR A 252 -11.79 14.70 31.25
N PHE A 253 -11.82 13.51 30.62
CA PHE A 253 -10.68 12.59 30.57
C PHE A 253 -9.40 13.25 30.05
N ILE A 254 -9.53 13.93 28.92
CA ILE A 254 -8.40 14.62 28.30
C ILE A 254 -7.86 15.72 29.23
N LYS A 255 -8.76 16.55 29.77
CA LYS A 255 -8.33 17.65 30.64
C LYS A 255 -7.55 17.15 31.88
N LYS A 256 -8.06 16.10 32.48
CA LYS A 256 -7.40 15.49 33.62
C LYS A 256 -6.04 14.93 33.27
N GLY A 257 -5.84 14.49 32.04
CA GLY A 257 -4.55 13.97 31.61
C GLY A 257 -3.52 15.07 31.42
N ALA A 258 -3.97 16.22 30.93
CA ALA A 258 -3.07 17.37 30.70
C ALA A 258 -3.70 18.71 31.15
N PRO A 259 -3.66 19.01 32.48
CA PRO A 259 -4.35 20.16 33.10
C PRO A 259 -3.88 21.54 32.67
N LYS A 260 -2.76 21.64 31.96
CA LYS A 260 -2.23 22.95 31.59
C LYS A 260 -2.72 23.43 30.24
N HIS A 261 -3.44 22.56 29.52
CA HIS A 261 -3.73 22.74 28.08
C HIS A 261 -5.19 22.92 27.79
N LEU A 262 -5.48 23.70 26.76
CA LEU A 262 -6.86 23.84 26.27
C LEU A 262 -7.36 22.53 25.61
N VAL A 263 -8.69 22.41 25.50
CA VAL A 263 -9.31 21.20 25.02
C VAL A 263 -10.41 21.54 24.02
N SER A 264 -10.38 20.86 22.88
CA SER A 264 -11.24 21.21 21.71
C SER A 264 -11.97 20.02 21.11
N ALA A 265 -13.06 20.32 20.39
CA ALA A 265 -14.02 19.30 19.95
C ALA A 265 -13.85 18.77 18.51
N GLY A 266 -13.44 19.62 17.56
CA GLY A 266 -13.31 19.21 16.16
C GLY A 266 -14.58 19.31 15.31
N LEU A 267 -15.66 19.87 15.85
CA LEU A 267 -16.95 19.93 15.12
C LEU A 267 -16.91 20.78 13.85
N GLU A 268 -17.62 20.34 12.82
CA GLU A 268 -17.79 21.11 11.57
C GLU A 268 -18.74 22.28 11.79
N SER A 269 -19.73 22.07 12.66
CA SER A 269 -20.85 23.00 12.85
C SER A 269 -21.62 23.18 11.51
N LYS A 270 -21.93 22.07 10.84
CA LYS A 270 -22.54 22.19 9.52
C LYS A 270 -24.05 22.12 9.54
N LEU A 271 -24.61 21.92 10.74
CA LEU A 271 -26.04 21.72 10.91
C LEU A 271 -26.67 22.95 11.57
N ASP A 272 -27.31 22.78 12.74
CA ASP A 272 -27.95 23.93 13.41
C ASP A 272 -27.34 24.30 14.77
N GLU A 273 -27.94 25.30 15.40
CA GLU A 273 -27.57 25.70 16.76
C GLU A 273 -27.72 24.55 17.77
N TYR A 274 -28.77 23.74 17.60
CA TYR A 274 -28.97 22.58 18.46
C TYR A 274 -27.75 21.62 18.47
N ASP A 275 -27.27 21.31 17.25
CA ASP A 275 -26.06 20.51 17.05
C ASP A 275 -24.83 21.19 17.66
N PHE A 276 -24.71 22.50 17.44
CA PHE A 276 -23.60 23.28 17.98
C PHE A 276 -23.49 23.16 19.52
N ASP A 277 -24.64 23.24 20.19
CA ASP A 277 -24.64 23.17 21.64
C ASP A 277 -24.29 21.81 22.19
N ARG A 278 -24.85 20.76 21.61
CA ARG A 278 -24.61 19.38 22.05
C ARG A 278 -23.09 19.07 22.19
N ALA A 279 -22.31 19.62 21.26
CA ALA A 279 -20.89 19.42 21.26
C ALA A 279 -20.11 20.40 22.13
N HIS A 280 -20.55 21.66 22.16
CA HIS A 280 -19.69 22.72 22.73
C HIS A 280 -20.01 23.10 24.18
N ASP A 281 -21.26 22.90 24.61
CA ASP A 281 -21.69 23.29 25.93
C ASP A 281 -21.28 22.33 27.09
N HIS A 282 -20.01 22.36 27.50
CA HIS A 282 -19.52 21.51 28.59
C HIS A 282 -18.36 22.22 29.24
N LYS A 283 -18.19 22.03 30.56
CA LYS A 283 -17.08 22.65 31.32
C LYS A 283 -15.73 22.52 30.59
N ASN A 284 -15.39 21.33 30.10
CA ASN A 284 -14.06 21.09 29.57
C ASN A 284 -13.95 21.20 28.04
N ILE A 285 -14.87 21.92 27.42
CA ILE A 285 -14.64 22.36 26.04
C ILE A 285 -14.33 23.86 26.12
N ASP A 286 -13.04 24.19 26.03
CA ASP A 286 -12.55 25.55 26.22
C ASP A 286 -12.89 26.53 25.09
N TYR A 287 -13.09 26.04 23.86
CA TYR A 287 -13.46 26.91 22.70
C TYR A 287 -14.16 26.20 21.57
N THR A 288 -14.61 26.96 20.56
CA THR A 288 -15.45 26.42 19.48
C THR A 288 -14.78 26.38 18.08
N THR A 289 -15.36 25.57 17.17
CA THR A 289 -14.83 25.39 15.81
C THR A 289 -15.94 25.28 14.77
N CYS A 290 -15.62 25.74 13.57
CA CYS A 290 -16.39 25.44 12.37
C CYS A 290 -15.48 25.06 11.16
N HIS A 291 -15.96 24.15 10.30
CA HIS A 291 -15.31 23.81 9.00
C HIS A 291 -16.28 24.15 7.88
N CYS A 292 -15.85 24.87 6.84
CA CYS A 292 -16.77 25.29 5.72
C CYS A 292 -16.39 24.71 4.35
N TRP A 293 -17.30 23.90 3.75
CA TRP A 293 -17.05 23.20 2.46
C TRP A 293 -18.16 23.30 1.42
N VAL A 294 -18.07 24.30 0.54
CA VAL A 294 -19.14 24.59 -0.43
C VAL A 294 -19.32 23.53 -1.56
N GLU A 295 -18.19 23.05 -2.12
CA GLU A 295 -18.30 22.04 -3.17
C GLU A 295 -18.89 20.74 -2.61
N ASN A 296 -18.23 20.19 -1.60
CA ASN A 296 -18.65 18.96 -0.92
C ASN A 296 -20.12 18.95 -0.54
N TRP A 297 -20.64 20.09 -0.10
CA TRP A 297 -22.05 20.17 0.29
C TRP A 297 -23.00 20.48 -0.88
N GLY A 298 -22.46 20.57 -2.09
CA GLY A 298 -23.29 20.79 -3.28
C GLY A 298 -23.77 22.22 -3.46
N ILE A 299 -23.10 23.17 -2.81
CA ILE A 299 -23.40 24.59 -2.93
C ILE A 299 -22.70 25.20 -4.15
N TYR A 300 -21.47 24.76 -4.42
CA TYR A 300 -20.62 25.39 -5.42
C TYR A 300 -20.18 24.37 -6.46
N ASP A 301 -20.24 24.75 -7.73
CA ASP A 301 -19.78 23.89 -8.80
C ASP A 301 -18.62 24.53 -9.63
N PRO A 302 -17.39 24.03 -9.47
CA PRO A 302 -16.16 24.60 -10.07
C PRO A 302 -16.08 24.59 -11.60
N ALA A 303 -16.94 23.81 -12.25
CA ALA A 303 -16.93 23.73 -13.72
C ALA A 303 -17.89 24.78 -14.34
N ASP A 304 -18.58 25.47 -13.44
CA ASP A 304 -19.51 26.52 -13.79
CA ASP A 304 -19.51 26.51 -13.81
C ASP A 304 -18.83 27.89 -13.74
N PRO A 305 -18.60 28.51 -14.91
CA PRO A 305 -17.88 29.80 -14.91
C PRO A 305 -18.62 30.93 -14.16
N ASP A 306 -19.94 30.84 -14.04
CA ASP A 306 -20.70 31.82 -13.25
C ASP A 306 -20.91 31.45 -11.78
N GLY A 307 -20.25 30.39 -11.33
CA GLY A 307 -20.64 29.79 -10.07
C GLY A 307 -20.25 30.54 -8.81
N LEU A 308 -19.37 31.52 -8.93
CA LEU A 308 -18.70 32.06 -7.72
C LEU A 308 -19.54 32.89 -6.77
N PRO A 309 -20.42 33.77 -7.28
CA PRO A 309 -20.99 34.66 -6.23
C PRO A 309 -21.96 33.98 -5.25
N HIS A 310 -22.55 32.87 -5.65
CA HIS A 310 -23.47 32.17 -4.77
C HIS A 310 -22.68 31.55 -3.61
N ALA A 311 -21.43 31.18 -3.91
CA ALA A 311 -20.55 30.64 -2.88
C ALA A 311 -20.05 31.71 -1.92
N ASN A 312 -19.75 32.90 -2.45
CA ASN A 312 -19.38 34.05 -1.63
C ASN A 312 -20.44 34.48 -0.62
N GLU A 313 -21.72 34.54 -1.04
CA GLU A 313 -22.86 34.82 -0.15
C GLU A 313 -22.90 33.79 0.95
N TYR A 314 -22.74 32.52 0.60
CA TYR A 314 -22.88 31.45 1.56
C TYR A 314 -21.82 31.55 2.63
N MET A 315 -20.57 31.76 2.18
CA MET A 315 -19.44 31.99 3.08
C MET A 315 -19.78 33.12 4.03
N HIS A 316 -20.31 34.20 3.47
CA HIS A 316 -20.70 35.38 4.26
C HIS A 316 -21.66 35.07 5.37
N ASP A 317 -22.76 34.40 5.07
CA ASP A 317 -23.77 34.13 6.11
C ASP A 317 -23.27 33.11 7.11
N PHE A 318 -22.40 32.22 6.64
CA PHE A 318 -21.86 31.15 7.47
C PHE A 318 -21.03 31.74 8.62
N LEU A 319 -20.17 32.70 8.31
CA LEU A 319 -19.35 33.37 9.34
C LEU A 319 -20.15 34.14 10.42
N GLU A 320 -21.21 34.84 10.00
CA GLU A 320 -22.03 35.57 10.97
CA GLU A 320 -22.11 35.59 10.90
C GLU A 320 -22.92 34.69 11.84
N SER A 321 -23.62 33.70 11.27
CA SER A 321 -24.48 32.83 12.08
C SER A 321 -23.69 32.07 13.16
N ARG A 322 -22.57 31.47 12.77
CA ARG A 322 -21.69 30.76 13.69
C ARG A 322 -21.07 31.67 14.75
N SER A 323 -20.75 32.90 14.35
CA SER A 323 -20.36 33.93 15.31
C SER A 323 -21.37 34.08 16.45
N LYS A 324 -22.66 34.25 16.11
CA LYS A 324 -23.72 34.37 17.14
C LYS A 324 -23.73 33.16 18.07
N TRP A 325 -23.63 31.97 17.50
CA TRP A 325 -23.64 30.79 18.32
C TRP A 325 -22.52 30.84 19.29
N ALA A 326 -21.30 31.11 18.84
CA ALA A 326 -20.15 31.23 19.76
C ALA A 326 -20.41 32.25 20.87
N ALA A 327 -20.90 33.43 20.50
CA ALA A 327 -21.26 34.46 21.47
C ALA A 327 -22.26 33.95 22.54
N GLN A 328 -23.33 33.29 22.12
CA GLN A 328 -24.36 32.74 23.01
C GLN A 328 -23.78 31.89 24.17
N LEU A 329 -22.61 31.32 23.97
CA LEU A 329 -22.04 30.45 24.93
C LEU A 329 -20.87 31.18 25.54
N ASN A 330 -20.62 32.39 25.05
CA ASN A 330 -19.47 33.18 25.50
C ASN A 330 -18.12 32.40 25.46
N LYS A 331 -17.85 31.83 24.29
CA LYS A 331 -16.57 31.13 24.03
C LYS A 331 -15.97 31.67 22.72
N PRO A 332 -14.63 31.60 22.55
CA PRO A 332 -14.02 31.96 21.26
C PRO A 332 -14.41 30.99 20.12
N ILE A 333 -14.24 31.44 18.87
CA ILE A 333 -14.46 30.61 17.67
C ILE A 333 -13.27 30.71 16.69
N VAL A 334 -12.91 29.58 16.03
CA VAL A 334 -11.92 29.53 14.93
C VAL A 334 -12.50 28.75 13.73
N MET A 335 -12.27 29.22 12.49
CA MET A 335 -12.66 28.43 11.32
C MET A 335 -11.41 27.60 10.98
N GLU A 336 -11.37 26.38 11.54
CA GLU A 336 -10.15 25.57 11.46
C GLU A 336 -10.04 24.84 10.12
N GLU A 337 -11.10 24.84 9.30
CA GLU A 337 -11.04 24.27 7.96
C GLU A 337 -11.87 25.05 6.93
N PHE A 338 -11.29 25.26 5.75
CA PHE A 338 -12.04 25.68 4.57
C PHE A 338 -11.16 25.58 3.31
N GLY A 339 -11.77 25.46 2.13
CA GLY A 339 -11.00 25.45 0.87
C GLY A 339 -11.83 25.44 -0.40
N MET A 340 -11.14 25.48 -1.57
CA MET A 340 -11.74 25.59 -2.93
C MET A 340 -10.83 25.01 -4.06
N ALA A 341 -11.50 24.49 -5.08
CA ALA A 341 -10.84 23.91 -6.28
C ALA A 341 -10.04 24.92 -7.17
N ARG A 342 -9.29 24.41 -8.14
CA ARG A 342 -8.71 25.26 -9.21
C ARG A 342 -9.79 25.58 -10.30
N ASP A 343 -9.42 26.39 -11.31
CA ASP A 343 -10.37 26.86 -12.34
C ASP A 343 -10.81 25.81 -13.39
N ALA A 344 -11.67 24.88 -12.95
CA ALA A 344 -12.11 23.77 -13.80
C ALA A 344 -13.01 24.23 -14.94
N TRP A 345 -13.65 25.36 -14.71
CA TRP A 345 -14.57 25.91 -15.66
C TRP A 345 -13.86 26.41 -16.92
N ARG A 346 -12.54 26.51 -16.91
CA ARG A 346 -11.79 26.90 -18.12
C ARG A 346 -11.73 25.77 -19.17
N ASN A 347 -12.09 24.57 -18.74
CA ASN A 347 -12.09 23.38 -19.60
C ASN A 347 -12.95 22.28 -18.97
N PRO A 348 -14.26 22.54 -18.84
CA PRO A 348 -15.20 21.69 -18.10
C PRO A 348 -15.28 20.24 -18.56
N GLU A 349 -15.03 19.95 -19.83
CA GLU A 349 -15.20 18.56 -20.29
C GLU A 349 -13.96 17.67 -20.08
N ASP A 350 -12.92 18.17 -19.42
CA ASP A 350 -11.76 17.32 -19.12
C ASP A 350 -11.46 17.20 -17.60
N GLU A 351 -11.80 16.04 -17.05
CA GLU A 351 -11.73 15.82 -15.61
C GLU A 351 -10.32 16.07 -15.04
N THR A 352 -9.28 15.67 -15.77
CA THR A 352 -7.88 15.68 -15.28
C THR A 352 -7.28 17.08 -15.27
N TYR A 353 -7.77 17.93 -16.19
CA TYR A 353 -7.41 19.32 -16.27
C TYR A 353 -7.59 20.00 -14.88
N LYS A 354 -8.68 19.64 -14.20
CA LYS A 354 -9.01 20.11 -12.87
C LYS A 354 -7.92 19.93 -11.77
N TYR A 355 -7.02 18.95 -11.94
CA TYR A 355 -6.01 18.67 -10.89
C TYR A 355 -4.54 19.03 -11.20
N LEU A 356 -4.30 19.55 -12.40
CA LEU A 356 -2.95 19.98 -12.83
C LEU A 356 -2.50 21.24 -12.06
N PRO A 357 -1.27 21.24 -11.49
CA PRO A 357 -0.79 22.44 -10.81
C PRO A 357 -0.74 23.65 -11.74
N SER A 358 -0.49 23.40 -13.03
CA SER A 358 -0.41 24.49 -13.95
C SER A 358 -1.76 25.20 -14.13
N THR A 359 -2.89 24.55 -13.79
CA THR A 359 -4.21 25.20 -13.92
C THR A 359 -4.38 26.30 -12.87
N PRO A 360 -4.84 27.52 -13.31
CA PRO A 360 -4.97 28.73 -12.45
C PRO A 360 -6.00 28.60 -11.33
N THR A 361 -5.94 29.51 -10.34
CA THR A 361 -6.82 29.50 -9.17
C THR A 361 -7.54 30.84 -8.92
N SER A 362 -8.02 31.48 -9.98
CA SER A 362 -8.72 32.77 -9.81
CA SER A 362 -8.72 32.78 -9.81
C SER A 362 -10.01 32.70 -8.98
N HIS A 363 -10.84 31.67 -9.17
CA HIS A 363 -12.04 31.61 -8.32
C HIS A 363 -11.61 31.46 -6.89
N LYS A 364 -10.70 30.52 -6.65
CA LYS A 364 -10.18 30.21 -5.29
C LYS A 364 -9.51 31.43 -4.62
N ASP A 365 -8.82 32.28 -5.40
CA ASP A 365 -8.12 33.42 -4.83
C ASP A 365 -9.09 34.49 -4.29
N GLU A 366 -10.18 34.78 -5.03
CA GLU A 366 -11.20 35.74 -4.63
C GLU A 366 -12.00 35.26 -3.41
N TYR A 367 -12.28 33.97 -3.39
CA TYR A 367 -13.06 33.35 -2.32
C TYR A 367 -12.34 33.45 -0.97
N TYR A 368 -11.08 33.07 -0.97
CA TYR A 368 -10.16 33.31 0.14
C TYR A 368 -10.08 34.77 0.60
N GLN A 369 -9.72 35.66 -0.34
CA GLN A 369 -9.58 37.10 -0.09
CA GLN A 369 -9.56 37.09 -0.05
C GLN A 369 -10.77 37.66 0.69
N LYS A 370 -11.98 37.40 0.19
CA LYS A 370 -13.19 37.95 0.79
C LYS A 370 -13.47 37.42 2.20
N ALA A 371 -13.24 36.13 2.39
CA ALA A 371 -13.39 35.59 3.72
C ALA A 371 -12.34 36.16 4.68
N PHE A 372 -11.09 36.37 4.25
CA PHE A 372 -10.09 36.90 5.17
C PHE A 372 -10.46 38.29 5.66
N ASN A 373 -10.91 39.14 4.71
CA ASN A 373 -11.37 40.50 4.98
C ASN A 373 -12.51 40.61 5.93
N GLN A 374 -13.40 39.62 5.87
CA GLN A 374 -14.53 39.55 6.81
C GLN A 374 -14.12 39.14 8.22
N ILE A 375 -13.15 38.23 8.32
CA ILE A 375 -12.59 37.79 9.63
C ILE A 375 -11.81 38.90 10.37
N VAL A 376 -11.00 39.64 9.62
CA VAL A 376 -10.26 40.78 10.14
C VAL A 376 -11.20 41.81 10.82
N SER A 377 -12.28 42.17 10.12
CA SER A 377 -13.28 43.07 10.63
C SER A 377 -14.03 42.51 11.87
N LEU A 378 -14.38 41.23 11.87
CA LEU A 378 -14.99 40.66 13.10
C LEU A 378 -14.03 40.59 14.27
N ALA A 379 -12.74 40.33 14.03
CA ALA A 379 -11.79 40.20 15.13
C ALA A 379 -11.42 41.58 15.72
N SER A 380 -11.49 42.62 14.87
CA SER A 380 -11.49 44.01 15.33
C SER A 380 -12.48 44.24 16.46
N ASN A 381 -13.67 43.65 16.35
CA ASN A 381 -14.67 43.70 17.43
C ASN A 381 -14.69 42.46 18.36
N ARG A 382 -13.59 41.70 18.39
CA ARG A 382 -13.47 40.46 19.23
C ARG A 382 -14.65 39.46 19.10
N SER A 383 -15.14 39.21 17.89
CA SER A 383 -16.23 38.25 17.66
CA SER A 383 -16.22 38.24 17.66
C SER A 383 -15.77 37.06 16.80
N PHE A 384 -14.45 36.91 16.63
CA PHE A 384 -13.87 35.81 15.83
C PHE A 384 -12.37 35.82 16.05
N SER A 385 -11.76 34.64 16.20
CA SER A 385 -10.32 34.55 16.60
C SER A 385 -9.26 34.22 15.52
N GLY A 386 -9.68 33.97 14.28
CA GLY A 386 -8.75 33.52 13.23
C GLY A 386 -9.15 32.26 12.46
N SER A 387 -8.19 31.65 11.76
CA SER A 387 -8.50 30.50 10.88
C SER A 387 -7.34 29.58 10.48
N ASN A 388 -7.69 28.37 10.02
CA ASN A 388 -6.78 27.45 9.33
C ASN A 388 -7.31 26.96 7.95
N PHE A 389 -6.72 27.45 6.87
CA PHE A 389 -7.04 27.00 5.53
C PHE A 389 -6.64 25.53 5.30
N TRP A 390 -7.43 24.83 4.48
CA TRP A 390 -7.16 23.43 4.08
C TRP A 390 -6.77 23.31 2.60
N ALA A 391 -5.49 23.03 2.30
CA ALA A 391 -4.39 22.76 3.25
C ALA A 391 -3.06 23.00 2.51
N TYR A 392 -1.94 23.11 3.23
CA TYR A 392 -0.63 23.48 2.56
C TYR A 392 0.06 22.27 1.89
N GLY A 393 0.34 22.38 0.58
CA GLY A 393 1.02 21.33 -0.17
C GLY A 393 2.54 21.48 -0.24
N GLY A 394 3.01 22.73 -0.23
CA GLY A 394 4.44 22.99 -0.20
C GLY A 394 5.20 22.59 -1.46
N GLU A 395 6.09 21.61 -1.29
CA GLU A 395 6.95 21.09 -2.38
C GLU A 395 6.31 19.99 -3.21
N GLY A 396 5.42 19.21 -2.60
CA GLY A 396 4.57 18.22 -3.30
C GLY A 396 3.83 18.74 -4.53
N ARG A 397 3.60 17.83 -5.48
CA ARG A 397 2.87 18.11 -6.69
C ARG A 397 2.09 16.82 -7.06
N SER A 398 0.86 16.94 -7.57
CA SER A 398 0.05 15.74 -7.88
C SER A 398 0.51 14.98 -9.12
N THR A 399 1.53 15.50 -9.82
CA THR A 399 2.08 14.84 -11.02
C THR A 399 3.26 13.89 -10.70
N TYR A 400 3.73 13.95 -9.45
CA TYR A 400 4.85 13.12 -8.99
C TYR A 400 4.47 11.66 -8.69
N PRO A 401 5.47 10.75 -8.79
CA PRO A 401 5.17 9.34 -8.55
C PRO A 401 5.11 8.99 -7.04
N PRO A 402 4.23 8.06 -6.64
CA PRO A 402 4.21 7.56 -5.26
C PRO A 402 5.61 7.16 -4.76
N ASN A 403 5.88 7.34 -3.46
CA ASN A 403 7.06 6.78 -2.78
C ASN A 403 6.92 5.23 -2.60
N PRO A 404 7.94 4.55 -2.03
CA PRO A 404 7.84 3.10 -1.89
C PRO A 404 6.67 2.54 -1.07
N TYR A 405 6.02 3.37 -0.25
CA TYR A 405 4.82 2.91 0.51
C TYR A 405 3.53 3.29 -0.23
N GLY A 406 3.70 3.82 -1.43
CA GLY A 406 2.58 4.21 -2.28
C GLY A 406 1.98 5.56 -1.98
N MET A 407 2.71 6.42 -1.24
CA MET A 407 2.14 7.74 -0.86
C MET A 407 2.58 8.82 -1.83
N VAL A 408 1.62 9.58 -2.36
CA VAL A 408 1.93 10.89 -2.95
C VAL A 408 1.63 11.95 -1.91
N TRP A 409 2.65 12.38 -1.14
CA TRP A 409 2.47 13.35 -0.03
C TRP A 409 2.26 14.81 -0.42
N LEU A 410 1.06 15.30 -0.09
CA LEU A 410 0.73 16.72 -0.16
C LEU A 410 -0.43 17.05 0.83
N GLY A 411 -1.26 18.06 0.52
CA GLY A 411 -2.33 18.54 1.38
C GLY A 411 -3.65 17.78 1.26
N ASP A 412 -3.74 16.92 0.25
CA ASP A 412 -4.92 16.13 0.02
C ASP A 412 -4.71 14.67 0.48
N PRO A 413 -5.54 14.20 1.47
CA PRO A 413 -5.50 12.84 1.98
C PRO A 413 -5.81 11.79 0.93
N PRO A 414 -5.30 10.56 1.10
CA PRO A 414 -5.51 9.56 0.03
C PRO A 414 -6.93 8.93 -0.10
N HIS A 415 -7.97 9.49 0.53
CA HIS A 415 -9.33 9.12 0.12
C HIS A 415 -9.83 10.05 -0.97
N GLU A 416 -8.99 10.98 -1.38
CA GLU A 416 -9.39 12.05 -2.30
C GLU A 416 -8.39 12.25 -3.44
N PRO A 417 -8.87 12.72 -4.62
CA PRO A 417 -7.96 12.89 -5.78
C PRO A 417 -6.78 13.77 -5.40
N HIS A 418 -5.54 13.35 -5.72
CA HIS A 418 -4.37 14.17 -5.35
C HIS A 418 -4.50 15.52 -6.00
N GLY A 419 -4.01 16.55 -5.31
CA GLY A 419 -4.03 17.90 -5.86
C GLY A 419 -5.36 18.63 -5.94
N TRP A 420 -6.43 18.14 -5.28
CA TRP A 420 -7.75 18.82 -5.24
C TRP A 420 -7.75 20.23 -4.67
N TYR A 421 -7.19 20.39 -3.47
CA TYR A 421 -7.33 21.61 -2.67
C TYR A 421 -6.00 22.19 -2.23
N SER A 422 -4.91 21.45 -2.44
CA SER A 422 -3.53 21.89 -2.06
C SER A 422 -3.14 23.30 -2.51
N VAL A 423 -2.38 23.98 -1.65
CA VAL A 423 -1.76 25.26 -1.96
C VAL A 423 -0.27 24.99 -2.08
N TYR A 424 0.25 25.13 -3.29
CA TYR A 424 1.65 24.82 -3.51
C TYR A 424 2.51 26.03 -3.20
N SER A 425 3.82 25.79 -3.01
CA SER A 425 4.75 26.85 -2.63
C SER A 425 4.80 28.03 -3.58
N ASN A 426 4.39 27.87 -4.83
CA ASN A 426 4.47 28.97 -5.80
CA ASN A 426 4.45 29.02 -5.74
C ASN A 426 3.11 29.43 -6.33
N ASP A 427 2.02 28.90 -5.77
CA ASP A 427 0.70 29.38 -6.23
C ASP A 427 0.49 30.87 -5.97
N THR A 428 -0.46 31.46 -6.67
CA THR A 428 -0.75 32.88 -6.53
C THR A 428 -1.50 33.17 -5.23
N THR A 429 -2.12 32.15 -4.65
CA THR A 429 -2.85 32.32 -3.40
C THR A 429 -1.89 32.59 -2.28
N VAL A 430 -0.59 32.32 -2.49
CA VAL A 430 0.36 32.54 -1.39
C VAL A 430 0.46 34.01 -0.96
N GLN A 431 0.52 34.93 -1.91
CA GLN A 431 0.55 36.33 -1.56
C GLN A 431 -0.68 36.72 -0.72
N ILE A 432 -1.86 36.28 -1.15
CA ILE A 432 -3.09 36.57 -0.43
C ILE A 432 -3.05 36.13 1.05
N ILE A 433 -2.58 34.91 1.29
CA ILE A 433 -2.44 34.41 2.68
C ILE A 433 -1.45 35.23 3.54
N LYS A 434 -0.39 35.71 2.89
CA LYS A 434 0.67 36.45 3.54
C LYS A 434 0.14 37.80 4.03
N ASP A 435 -0.73 38.40 3.21
CA ASP A 435 -1.31 39.71 3.46
C ASP A 435 -2.31 39.64 4.56
N TYR A 436 -3.23 38.67 4.49
CA TYR A 436 -4.17 38.37 5.59
C TYR A 436 -3.49 38.17 6.95
N ASN A 437 -2.37 37.44 6.98
CA ASN A 437 -1.62 37.22 8.22
C ASN A 437 -1.06 38.52 8.77
N ALA A 438 -0.48 39.36 7.91
CA ALA A 438 -0.02 40.70 8.31
C ALA A 438 -1.17 41.60 8.88
N ASN A 439 -2.35 41.59 8.22
CA ASN A 439 -3.53 42.36 8.67
C ASN A 439 -4.01 41.91 10.04
N LEU A 440 -3.91 40.62 10.30
CA LEU A 440 -4.43 40.09 11.54
C LEU A 440 -3.46 40.27 12.73
N LEU A 441 -2.16 40.36 12.44
CA LEU A 441 -1.19 40.65 13.47
C LEU A 441 -1.39 42.11 13.93
N LYS A 442 -1.67 42.98 12.96
CA LYS A 442 -1.92 44.40 13.20
C LYS A 442 -3.09 44.60 14.17
N VAL A 443 -4.17 43.83 13.95
CA VAL A 443 -5.36 43.80 14.82
C VAL A 443 -5.00 43.36 16.25
N GLN A 444 -4.15 42.34 16.33
CA GLN A 444 -3.70 41.82 17.66
C GLN A 444 -2.94 42.86 18.49
N LYS A 445 -2.03 43.60 17.84
CA LYS A 445 -1.33 44.73 18.48
C LYS A 445 -2.26 45.85 18.96
N GLU A 446 -3.27 46.19 18.12
CA GLU A 446 -4.27 47.21 18.47
C GLU A 446 -5.04 46.85 19.72
N LEU A 447 -5.27 45.57 19.94
CA LEU A 447 -6.06 45.16 21.09
C LEU A 447 -5.20 44.94 22.31
N SER A 448 -3.88 45.07 22.14
CA SER A 448 -2.93 45.02 23.27
C SER A 448 -2.72 46.38 23.97
N LYS A 449 -3.11 47.47 23.32
CA LYS A 449 -3.00 48.80 23.92
C LYS A 449 -3.82 48.87 25.20
N SER B 34 35.70 -22.73 -19.49
CA SER B 34 34.99 -24.01 -19.29
C SER B 34 33.51 -23.77 -19.03
N GLU B 35 32.64 -24.70 -19.44
CA GLU B 35 31.20 -24.54 -19.24
C GLU B 35 30.57 -25.79 -18.59
N PHE B 36 31.41 -26.56 -17.90
CA PHE B 36 31.10 -27.89 -17.42
C PHE B 36 29.92 -27.81 -16.42
N ALA B 37 29.85 -26.70 -15.67
CA ALA B 37 28.87 -26.50 -14.62
C ALA B 37 27.53 -25.92 -15.07
N PHE B 38 27.42 -25.47 -16.31
CA PHE B 38 26.13 -25.00 -16.79
C PHE B 38 25.30 -26.20 -17.17
N VAL B 39 24.04 -26.16 -16.74
CA VAL B 39 23.04 -27.14 -17.19
C VAL B 39 22.84 -27.06 -18.70
N LYS B 40 22.84 -28.23 -19.35
CA LYS B 40 22.64 -28.39 -20.79
C LYS B 40 21.50 -29.43 -21.11
N ILE B 41 21.10 -29.48 -22.38
CA ILE B 41 20.26 -30.56 -22.90
C ILE B 41 21.15 -31.76 -23.32
N ALA B 42 20.73 -32.99 -23.06
CA ALA B 42 21.52 -34.14 -23.48
C ALA B 42 21.43 -34.22 -25.01
N SER B 43 22.45 -34.81 -25.66
CA SER B 43 22.51 -34.72 -27.14
C SER B 43 21.39 -35.54 -27.81
N ASP B 44 20.90 -36.59 -27.14
CA ASP B 44 19.72 -37.29 -27.65
C ASP B 44 18.41 -36.48 -27.44
N GLY B 45 18.48 -35.43 -26.61
CA GLY B 45 17.33 -34.59 -26.34
C GLY B 45 16.28 -35.10 -25.36
N LYS B 46 16.60 -36.09 -24.52
CA LYS B 46 15.57 -36.66 -23.62
C LYS B 46 15.69 -36.31 -22.12
N GLY B 47 16.65 -35.46 -21.78
CA GLY B 47 16.86 -34.99 -20.43
C GLY B 47 17.96 -33.94 -20.36
N PHE B 48 18.38 -33.59 -19.13
CA PHE B 48 19.38 -32.54 -18.86
C PHE B 48 20.71 -33.11 -18.41
N THR B 49 21.78 -32.37 -18.66
CA THR B 49 23.07 -32.74 -18.09
C THR B 49 23.73 -31.57 -17.34
N ARG B 50 24.41 -31.91 -16.25
CA ARG B 50 25.33 -30.99 -15.59
C ARG B 50 26.52 -31.76 -15.03
N TYR B 51 27.73 -31.23 -15.19
CA TYR B 51 28.96 -31.90 -14.72
C TYR B 51 29.17 -33.24 -15.41
N GLY B 52 28.73 -33.33 -16.66
CA GLY B 52 28.82 -34.54 -17.47
C GLY B 52 27.90 -35.68 -17.08
N GLU B 53 26.82 -35.41 -16.38
CA GLU B 53 25.93 -36.49 -15.95
C GLU B 53 24.46 -36.12 -15.98
N PRO B 54 23.59 -37.13 -16.04
CA PRO B 54 22.15 -36.80 -16.03
C PRO B 54 21.75 -35.88 -14.87
N TYR B 55 20.80 -34.99 -15.13
CA TYR B 55 20.38 -34.03 -14.13
C TYR B 55 18.85 -33.95 -14.08
N LEU B 56 18.30 -34.38 -12.95
CA LEU B 56 16.87 -34.33 -12.67
C LEU B 56 16.44 -33.22 -11.64
N ILE B 57 15.22 -32.73 -11.86
CA ILE B 57 14.70 -31.57 -11.16
C ILE B 57 13.89 -31.89 -9.88
N ARG B 58 14.56 -31.71 -8.73
CA ARG B 58 13.96 -31.92 -7.43
C ARG B 58 13.62 -30.53 -6.96
N GLY B 59 12.45 -30.06 -7.37
CA GLY B 59 12.13 -28.64 -7.35
C GLY B 59 11.00 -28.11 -6.48
N ALA B 60 11.03 -26.79 -6.29
CA ALA B 60 10.01 -25.99 -5.57
C ALA B 60 9.92 -24.60 -6.20
N ASN B 61 8.74 -23.97 -6.10
CA ASN B 61 8.57 -22.51 -6.38
C ASN B 61 8.85 -21.60 -5.14
N TYR B 62 9.60 -20.50 -5.35
CA TYR B 62 9.93 -19.56 -4.25
C TYR B 62 10.01 -18.10 -4.74
N TRP B 63 8.94 -17.66 -5.43
CA TRP B 63 8.83 -16.32 -6.04
C TRP B 63 9.02 -15.16 -5.07
N GLN B 64 8.77 -15.38 -3.76
CA GLN B 64 8.90 -14.31 -2.73
C GLN B 64 10.36 -14.15 -2.25
N GLY B 65 11.27 -14.92 -2.84
CA GLY B 65 12.67 -14.88 -2.49
C GLY B 65 13.35 -13.52 -2.51
N MET B 66 13.24 -12.80 -3.64
CA MET B 66 13.88 -11.49 -3.84
C MET B 66 13.51 -10.49 -2.75
N ASN B 67 12.21 -10.40 -2.49
CA ASN B 67 11.67 -9.51 -1.45
C ASN B 67 12.09 -9.85 -0.04
N LEU B 68 12.22 -11.14 0.29
CA LEU B 68 12.69 -11.50 1.62
C LEU B 68 14.21 -11.31 1.80
N GLY B 69 14.93 -11.21 0.68
CA GLY B 69 16.37 -11.00 0.73
C GLY B 69 16.80 -9.55 0.89
N ALA B 70 15.87 -8.62 0.73
CA ALA B 70 16.13 -7.18 0.85
C ALA B 70 16.45 -6.75 2.29
N ASP B 71 17.11 -5.60 2.48
CA ASP B 71 17.35 -5.09 3.84
C ASP B 71 16.06 -4.71 4.60
N ASP B 72 16.12 -4.66 5.92
CA ASP B 72 14.98 -4.27 6.75
CA ASP B 72 14.97 -4.27 6.75
C ASP B 72 14.32 -3.01 6.22
N CYS B 73 15.14 -2.03 5.84
CA CYS B 73 14.61 -0.76 5.35
CA CYS B 73 14.72 -0.73 5.26
C CYS B 73 13.68 -0.94 4.14
N SER B 74 13.90 -1.97 3.32
CA SER B 74 13.01 -2.25 2.20
C SER B 74 12.01 -3.35 2.44
N GLY B 75 11.76 -3.72 3.70
CA GLY B 75 10.71 -4.72 4.03
C GLY B 75 11.11 -6.19 3.90
N GLY B 76 12.43 -6.44 3.78
CA GLY B 76 13.01 -7.78 3.75
C GLY B 76 13.07 -8.42 5.12
N ASP B 77 13.63 -9.63 5.20
CA ASP B 77 13.91 -10.38 6.45
C ASP B 77 14.86 -11.50 6.05
N ARG B 78 16.13 -11.13 5.92
CA ARG B 78 17.19 -11.95 5.37
C ARG B 78 17.58 -13.18 6.22
N LYS B 79 17.55 -13.03 7.52
CA LYS B 79 17.82 -14.13 8.47
C LYS B 79 16.76 -15.25 8.25
N ARG B 80 15.51 -14.84 7.97
CA ARG B 80 14.42 -15.78 7.68
C ARG B 80 14.66 -16.49 6.33
N MET B 81 15.03 -15.71 5.33
CA MET B 81 15.32 -16.25 4.02
CA MET B 81 15.29 -16.28 4.03
C MET B 81 16.39 -17.35 4.14
N GLU B 82 17.54 -17.00 4.71
CA GLU B 82 18.61 -17.97 4.88
C GLU B 82 18.10 -19.22 5.56
N LEU B 83 17.31 -19.08 6.62
CA LEU B 83 16.74 -20.24 7.28
C LEU B 83 15.80 -21.08 6.37
N GLU B 84 14.98 -20.40 5.58
CA GLU B 84 14.03 -21.09 4.75
C GLU B 84 14.70 -21.91 3.64
N ILE B 85 15.85 -21.44 3.19
CA ILE B 85 16.61 -22.13 2.15
C ILE B 85 17.38 -23.33 2.69
N LYS B 86 17.92 -23.21 3.92
CA LYS B 86 18.37 -24.36 4.70
C LYS B 86 17.32 -25.47 4.79
N GLN B 87 16.13 -25.14 5.31
CA GLN B 87 15.00 -26.11 5.36
C GLN B 87 14.82 -26.88 4.06
N MET B 88 14.90 -26.17 2.95
CA MET B 88 14.72 -26.80 1.64
C MET B 88 15.89 -27.72 1.25
N ALA B 89 17.12 -27.27 1.47
CA ALA B 89 18.29 -28.13 1.23
C ALA B 89 18.10 -29.42 2.00
N GLU B 90 17.73 -29.29 3.27
CA GLU B 90 17.58 -30.45 4.13
C GLU B 90 16.49 -31.42 3.68
N MET B 91 15.49 -30.92 2.94
CA MET B 91 14.43 -31.80 2.46
C MET B 91 14.68 -32.35 1.05
N GLY B 92 15.85 -32.02 0.49
CA GLY B 92 16.35 -32.68 -0.72
C GLY B 92 16.24 -31.88 -2.02
N ILE B 93 16.07 -30.55 -1.91
CA ILE B 93 15.75 -29.71 -3.07
CA ILE B 93 15.75 -29.71 -3.07
C ILE B 93 17.00 -29.20 -3.80
N ASN B 94 17.07 -29.40 -5.11
CA ASN B 94 18.21 -28.91 -5.91
C ASN B 94 17.92 -27.74 -6.86
N ASN B 95 16.62 -27.42 -7.03
CA ASN B 95 16.20 -26.41 -8.01
C ASN B 95 15.07 -25.53 -7.45
N LEU B 96 15.21 -24.21 -7.61
CA LEU B 96 14.12 -23.23 -7.30
C LEU B 96 13.69 -22.39 -8.53
N ARG B 97 12.37 -22.21 -8.68
CA ARG B 97 11.82 -21.28 -9.67
C ARG B 97 11.43 -19.99 -8.95
N VAL B 98 12.13 -18.92 -9.33
CA VAL B 98 12.08 -17.62 -8.65
C VAL B 98 11.63 -16.53 -9.63
N MET B 99 11.21 -15.38 -9.09
CA MET B 99 10.76 -14.25 -9.91
CA MET B 99 10.76 -14.23 -9.88
C MET B 99 11.83 -13.15 -9.92
N ALA B 100 12.18 -12.70 -11.11
CA ALA B 100 13.21 -11.70 -11.31
C ALA B 100 12.63 -10.44 -11.98
N SER B 101 11.39 -10.08 -11.64
CA SER B 101 10.79 -8.82 -12.10
C SER B 101 9.65 -8.36 -11.17
N SER B 102 9.44 -7.03 -11.08
CA SER B 102 8.18 -6.53 -10.54
C SER B 102 8.02 -5.03 -10.73
N GLU B 103 6.85 -4.66 -11.24
CA GLU B 103 6.58 -3.35 -11.76
C GLU B 103 5.73 -2.50 -10.81
N GLY B 104 6.13 -1.23 -10.65
CA GLY B 104 5.28 -0.25 -9.97
C GLY B 104 4.15 0.26 -10.87
N PRO B 105 3.52 1.38 -10.46
CA PRO B 105 3.87 2.13 -9.24
C PRO B 105 3.35 1.50 -7.93
N ASP B 106 3.88 1.97 -6.80
CA ASP B 106 3.70 1.32 -5.53
C ASP B 106 2.40 1.63 -4.81
N ASP B 107 1.41 2.15 -5.52
CA ASP B 107 0.10 2.50 -4.91
C ASP B 107 -1.07 1.56 -5.35
N GLN B 108 -0.72 0.39 -5.85
CA GLN B 108 -1.64 -0.51 -6.50
C GLN B 108 -1.92 -1.72 -5.60
N PRO B 109 -3.19 -2.16 -5.55
CA PRO B 109 -3.60 -3.34 -4.80
C PRO B 109 -3.16 -4.63 -5.53
N TYR B 110 -3.22 -5.76 -4.84
CA TYR B 110 -2.95 -7.12 -5.40
C TYR B 110 -1.55 -7.35 -5.91
N ARG B 111 -0.56 -6.54 -5.48
CA ARG B 111 0.84 -6.79 -5.96
C ARG B 111 1.95 -6.75 -4.93
N MET B 112 3.04 -7.43 -5.24
CA MET B 112 4.31 -7.24 -4.49
C MET B 112 4.63 -5.75 -4.20
N ARG B 113 4.97 -5.44 -2.94
CA ARG B 113 5.40 -4.09 -2.55
C ARG B 113 6.53 -4.23 -1.54
N PRO B 114 7.63 -3.47 -1.68
CA PRO B 114 7.91 -2.42 -2.67
C PRO B 114 8.31 -3.03 -4.03
N SER B 115 8.06 -2.33 -5.14
CA SER B 115 8.36 -2.93 -6.46
C SER B 115 9.86 -2.88 -6.79
N MET B 116 10.30 -3.67 -7.76
CA MET B 116 11.69 -3.75 -8.18
C MET B 116 11.99 -2.62 -9.17
N MET B 117 11.03 -2.34 -10.03
CA MET B 117 11.15 -1.33 -11.07
C MET B 117 9.86 -0.51 -11.06
N PRO B 118 9.81 0.49 -10.14
CA PRO B 118 8.62 1.33 -9.89
C PRO B 118 8.13 2.08 -11.12
N GLN B 119 9.07 2.52 -11.97
CA GLN B 119 8.78 3.11 -13.27
C GLN B 119 9.79 2.57 -14.29
N PRO B 120 9.41 2.53 -15.59
CA PRO B 120 10.27 1.99 -16.67
C PRO B 120 11.71 2.52 -16.61
N GLY B 121 12.69 1.63 -16.50
CA GLY B 121 14.10 2.02 -16.46
C GLY B 121 14.58 2.48 -15.10
N LYS B 122 13.67 2.69 -14.16
CA LYS B 122 14.05 3.10 -12.82
C LYS B 122 13.85 1.98 -11.79
N TYR B 123 14.93 1.66 -11.07
CA TYR B 123 14.98 0.51 -10.18
C TYR B 123 15.13 0.87 -8.73
N ASN B 124 14.43 0.10 -7.88
CA ASN B 124 14.65 0.13 -6.44
C ASN B 124 15.82 -0.79 -6.03
N GLU B 125 17.01 -0.21 -5.84
CA GLU B 125 18.25 -0.95 -5.61
C GLU B 125 18.20 -1.83 -4.36
N GLY B 126 17.49 -1.36 -3.34
CA GLY B 126 17.29 -2.19 -2.14
C GLY B 126 16.63 -3.57 -2.41
N VAL B 127 15.67 -3.59 -3.34
CA VAL B 127 14.99 -4.82 -3.71
C VAL B 127 15.93 -5.68 -4.58
N PHE B 128 16.64 -5.03 -5.51
CA PHE B 128 17.65 -5.71 -6.37
C PHE B 128 18.71 -6.43 -5.54
N VAL B 129 19.21 -5.77 -4.53
CA VAL B 129 20.16 -6.43 -3.65
C VAL B 129 19.57 -7.70 -2.98
N GLY B 130 18.25 -7.74 -2.80
CA GLY B 130 17.58 -8.96 -2.30
C GLY B 130 17.78 -10.15 -3.25
N LEU B 131 17.87 -9.87 -4.54
CA LEU B 131 18.02 -10.88 -5.56
C LEU B 131 19.46 -11.39 -5.61
N ASP B 132 20.43 -10.48 -5.51
CA ASP B 132 21.85 -10.84 -5.32
C ASP B 132 22.01 -11.90 -4.23
N TYR B 133 21.41 -11.63 -3.07
CA TYR B 133 21.52 -12.48 -1.90
C TYR B 133 20.85 -13.83 -2.05
N LEU B 134 19.66 -13.85 -2.63
CA LEU B 134 18.99 -15.09 -3.00
C LEU B 134 19.91 -16.03 -3.84
N LEU B 135 20.52 -15.50 -4.88
CA LEU B 135 21.39 -16.30 -5.75
C LEU B 135 22.68 -16.73 -5.09
N ASP B 136 23.16 -15.93 -4.15
CA ASP B 136 24.33 -16.29 -3.36
C ASP B 136 24.08 -17.42 -2.35
N THR B 137 22.99 -17.35 -1.60
CA THR B 137 22.66 -18.43 -0.67
C THR B 137 22.48 -19.73 -1.47
N MET B 138 21.65 -19.67 -2.51
CA MET B 138 21.38 -20.81 -3.37
C MET B 138 22.67 -21.53 -3.74
N ASP B 139 23.67 -20.75 -4.14
CA ASP B 139 25.02 -21.21 -4.42
C ASP B 139 25.58 -22.03 -3.26
N ARG B 140 25.67 -21.46 -2.06
CA ARG B 140 26.25 -22.15 -0.89
C ARG B 140 25.60 -23.49 -0.60
N TYR B 141 24.39 -23.67 -1.13
CA TYR B 141 23.60 -24.91 -0.95
C TYR B 141 23.51 -25.73 -2.24
N ASN B 142 24.34 -25.39 -3.23
CA ASN B 142 24.43 -26.19 -4.46
C ASN B 142 23.07 -26.36 -5.17
N MET B 143 22.29 -25.28 -5.25
CA MET B 143 20.99 -25.33 -5.97
C MET B 143 21.14 -24.57 -7.30
N THR B 144 20.24 -24.80 -8.25
CA THR B 144 20.19 -23.94 -9.45
C THR B 144 18.89 -23.21 -9.58
N ALA B 145 18.88 -22.16 -10.41
CA ALA B 145 17.74 -21.23 -10.55
C ALA B 145 17.11 -21.10 -11.94
N VAL B 146 15.78 -21.25 -12.00
CA VAL B 146 14.95 -20.81 -13.14
C VAL B 146 14.48 -19.34 -12.94
N MET B 147 14.91 -18.43 -13.84
CA MET B 147 14.77 -16.96 -13.66
C MET B 147 13.62 -16.38 -14.48
N THR B 148 12.45 -16.17 -13.89
CA THR B 148 11.24 -15.71 -14.61
C THR B 148 11.31 -14.20 -14.81
N LEU B 149 11.17 -13.75 -16.04
CA LEU B 149 11.49 -12.37 -16.35
C LEU B 149 10.26 -11.48 -16.43
N GLY B 150 9.07 -12.09 -16.38
CA GLY B 150 7.80 -11.37 -16.53
C GLY B 150 6.62 -12.19 -16.08
N ASN B 151 5.48 -11.56 -15.97
CA ASN B 151 4.28 -12.22 -15.50
C ASN B 151 3.09 -11.88 -16.41
N PHE B 152 2.25 -12.85 -16.77
CA PHE B 152 1.01 -12.46 -17.47
C PHE B 152 0.06 -11.91 -16.43
N TRP B 153 0.13 -12.46 -15.20
CA TRP B 153 -0.86 -12.12 -14.13
C TRP B 153 -0.56 -10.83 -13.37
N GLN B 154 -1.40 -10.46 -12.41
CA GLN B 154 -1.40 -9.07 -11.91
C GLN B 154 -0.57 -8.82 -10.67
N TRP B 155 0.03 -9.88 -10.13
CA TRP B 155 0.56 -9.88 -8.77
C TRP B 155 2.01 -9.44 -8.66
N SER B 156 2.60 -9.07 -9.80
CA SER B 156 3.90 -8.42 -9.84
C SER B 156 3.82 -7.24 -10.82
N GLY B 157 2.59 -6.85 -11.13
CA GLY B 157 2.33 -5.84 -12.16
C GLY B 157 2.12 -6.55 -13.49
N GLY B 158 3.21 -7.00 -14.10
CA GLY B 158 3.19 -7.76 -15.35
C GLY B 158 2.73 -7.07 -16.63
N PHE B 159 2.28 -7.88 -17.58
CA PHE B 159 1.86 -7.38 -18.90
C PHE B 159 0.78 -6.29 -18.86
N GLY B 160 -0.21 -6.44 -17.98
CA GLY B 160 -1.22 -5.38 -17.74
C GLY B 160 -0.65 -3.99 -17.40
N GLN B 161 0.44 -3.99 -16.63
CA GLN B 161 1.08 -2.73 -16.26
C GLN B 161 1.78 -2.13 -17.48
N TYR B 162 2.47 -2.98 -18.23
CA TYR B 162 3.19 -2.53 -19.42
C TYR B 162 2.22 -1.79 -20.37
N VAL B 163 1.05 -2.37 -20.61
CA VAL B 163 -0.02 -1.74 -21.38
C VAL B 163 -0.50 -0.42 -20.77
N ALA B 164 -0.72 -0.40 -19.46
CA ALA B 164 -1.18 0.82 -18.79
C ALA B 164 -0.22 1.96 -19.04
N TRP B 165 1.08 1.65 -18.94
CA TRP B 165 2.16 2.59 -19.13
C TRP B 165 2.18 3.18 -20.53
N ILE B 166 1.74 2.39 -21.50
CA ILE B 166 1.77 2.77 -22.91
C ILE B 166 0.54 3.58 -23.31
N THR B 167 -0.65 3.19 -22.82
CA THR B 167 -1.87 3.95 -23.12
C THR B 167 -2.01 5.16 -22.16
N GLY B 168 -1.17 5.21 -21.12
CA GLY B 168 -1.29 6.26 -20.11
C GLY B 168 -2.53 6.19 -19.22
N ASN B 169 -3.34 5.12 -19.33
CA ASN B 169 -4.47 4.86 -18.39
C ASN B 169 -4.11 3.84 -17.34
N GLN B 170 -3.95 4.33 -16.11
CA GLN B 170 -3.60 3.48 -14.98
C GLN B 170 -4.79 2.74 -14.36
N THR B 171 -5.96 2.79 -14.99
CA THR B 171 -7.11 2.06 -14.42
C THR B 171 -7.24 0.66 -15.01
N ILE B 172 -6.40 -0.26 -14.53
CA ILE B 172 -6.40 -1.64 -15.02
C ILE B 172 -7.74 -2.34 -14.61
N PRO B 173 -8.39 -3.05 -15.54
CA PRO B 173 -9.61 -3.74 -15.05
C PRO B 173 -9.33 -5.01 -14.24
N TYR B 174 -8.82 -4.86 -13.00
CA TYR B 174 -8.64 -6.00 -12.07
C TYR B 174 -9.93 -6.83 -11.92
N PRO B 175 -9.78 -8.19 -11.89
CA PRO B 175 -10.93 -9.12 -11.91
C PRO B 175 -11.58 -9.35 -10.53
N VAL B 176 -12.14 -8.31 -9.94
CA VAL B 176 -12.88 -8.45 -8.68
C VAL B 176 -14.28 -7.88 -8.92
N GLY B 177 -15.21 -8.21 -8.02
CA GLY B 177 -16.57 -7.68 -8.11
C GLY B 177 -17.24 -8.15 -9.38
N ASP B 178 -17.50 -7.23 -10.28
CA ASP B 178 -18.07 -7.58 -11.59
C ASP B 178 -17.09 -8.07 -12.64
N VAL B 179 -15.87 -7.57 -12.61
CA VAL B 179 -14.90 -7.86 -13.65
C VAL B 179 -14.49 -9.34 -13.56
N THR B 180 -14.80 -10.08 -14.65
CA THR B 180 -14.45 -11.49 -14.82
C THR B 180 -13.01 -11.60 -15.29
N TYR B 181 -12.43 -12.78 -15.12
CA TYR B 181 -11.10 -13.07 -15.67
C TYR B 181 -10.91 -12.90 -17.21
N ASP B 182 -11.90 -13.32 -18.00
CA ASP B 182 -11.86 -13.17 -19.47
C ASP B 182 -11.63 -11.70 -19.90
N GLU B 183 -12.33 -10.81 -19.23
CA GLU B 183 -12.24 -9.39 -19.45
C GLU B 183 -10.83 -8.84 -19.14
N PHE B 184 -10.24 -9.28 -18.03
CA PHE B 184 -8.89 -8.83 -17.69
C PHE B 184 -7.88 -9.43 -18.67
N THR B 185 -8.06 -10.73 -18.97
CA THR B 185 -7.21 -11.43 -19.95
C THR B 185 -7.11 -10.66 -21.28
N GLN B 186 -8.27 -10.26 -21.81
CA GLN B 186 -8.35 -9.53 -23.06
C GLN B 186 -7.62 -8.19 -23.00
N PHE B 187 -7.65 -7.52 -21.85
CA PHE B 187 -6.85 -6.31 -21.64
C PHE B 187 -5.33 -6.57 -21.77
N ALA B 188 -4.77 -7.42 -20.89
CA ALA B 188 -3.32 -7.70 -20.86
C ALA B 188 -2.72 -8.29 -22.16
N ALA B 189 -3.51 -9.15 -22.82
CA ALA B 189 -3.10 -9.77 -24.10
C ALA B 189 -2.70 -8.76 -25.21
N ARG B 190 -3.11 -7.51 -25.08
CA ARG B 190 -2.71 -6.46 -26.03
C ARG B 190 -1.17 -6.21 -26.05
N PHE B 191 -0.51 -6.50 -24.93
CA PHE B 191 0.93 -6.47 -24.86
C PHE B 191 1.59 -7.09 -26.09
N TYR B 192 1.01 -8.16 -26.61
CA TYR B 192 1.49 -8.76 -27.88
C TYR B 192 0.47 -8.82 -29.05
N ASN B 193 -0.83 -8.56 -28.81
CA ASN B 193 -1.89 -8.72 -29.86
C ASN B 193 -2.37 -7.45 -30.56
N ASP B 194 -2.17 -6.29 -29.92
CA ASP B 194 -2.50 -4.99 -30.50
C ASP B 194 -1.31 -4.51 -31.32
N SER B 195 -1.53 -4.19 -32.59
CA SER B 195 -0.41 -3.88 -33.51
C SER B 195 0.30 -2.53 -33.29
N GLU B 196 -0.29 -1.65 -32.46
CA GLU B 196 0.32 -0.37 -32.09
C GLU B 196 0.92 -0.39 -30.67
N ILE B 197 0.22 -1.06 -29.74
CA ILE B 197 0.72 -1.23 -28.39
C ILE B 197 2.04 -2.07 -28.30
N ALA B 198 1.98 -3.26 -28.91
CA ALA B 198 3.02 -4.28 -28.82
C ALA B 198 4.47 -3.83 -28.98
N PRO B 199 4.80 -3.10 -30.08
CA PRO B 199 6.22 -2.77 -30.31
C PRO B 199 6.76 -1.96 -29.17
N LYS B 200 6.01 -0.95 -28.75
CA LYS B 200 6.37 -0.10 -27.62
C LYS B 200 6.47 -0.88 -26.29
N ALA B 201 5.42 -1.66 -25.99
CA ALA B 201 5.44 -2.55 -24.83
C ALA B 201 6.75 -3.37 -24.81
N ASN B 202 7.03 -4.02 -25.92
CA ASN B 202 8.16 -4.92 -26.03
C ASN B 202 9.55 -4.30 -25.94
N LYS B 203 9.70 -3.07 -26.44
CA LYS B 203 10.94 -2.34 -26.22
C LYS B 203 11.31 -2.20 -24.74
N LEU B 204 10.36 -1.76 -23.91
CA LEU B 204 10.62 -1.57 -22.46
C LEU B 204 10.86 -2.92 -21.80
N PHE B 205 10.05 -3.89 -22.22
CA PHE B 205 10.19 -5.22 -21.71
C PHE B 205 11.64 -5.71 -21.96
N LYS B 206 12.18 -5.45 -23.17
CA LYS B 206 13.59 -5.81 -23.51
C LYS B 206 14.67 -5.10 -22.70
N ASP B 207 14.46 -3.82 -22.43
CA ASP B 207 15.33 -3.06 -21.53
C ASP B 207 15.50 -3.74 -20.19
N HIS B 208 14.39 -4.26 -19.65
CA HIS B 208 14.48 -4.94 -18.37
C HIS B 208 15.40 -6.16 -18.44
N ILE B 209 15.16 -7.03 -19.44
CA ILE B 209 15.89 -8.30 -19.59
C ILE B 209 17.38 -8.04 -19.72
N TYR B 210 17.70 -7.05 -20.56
CA TYR B 210 19.07 -6.65 -20.72
C TYR B 210 19.72 -6.32 -19.36
N THR B 211 18.98 -5.63 -18.48
CA THR B 211 19.53 -5.08 -17.25
C THR B 211 19.84 -6.25 -16.37
N VAL B 212 18.87 -7.15 -16.25
CA VAL B 212 19.06 -8.30 -15.37
C VAL B 212 20.17 -9.25 -15.87
N GLN B 213 20.22 -9.49 -17.18
CA GLN B 213 21.23 -10.42 -17.71
C GLN B 213 22.65 -9.89 -17.41
N ASN B 214 22.74 -8.55 -17.29
CA ASN B 214 24.03 -7.88 -17.10
C ASN B 214 24.32 -7.43 -15.66
N ARG B 215 23.40 -7.73 -14.74
CA ARG B 215 23.61 -7.34 -13.32
C ARG B 215 24.84 -8.03 -12.74
N ARG B 216 25.67 -7.25 -12.06
CA ARG B 216 26.77 -7.75 -11.24
C ARG B 216 26.26 -8.00 -9.84
N ASN B 217 26.41 -9.24 -9.38
CA ASN B 217 26.04 -9.66 -8.03
C ASN B 217 26.92 -8.88 -7.07
N THR B 218 26.32 -7.98 -6.28
CA THR B 218 27.12 -7.16 -5.34
C THR B 218 27.67 -7.98 -4.16
N VAL B 219 27.10 -9.18 -3.96
CA VAL B 219 27.55 -10.06 -2.88
C VAL B 219 28.75 -10.89 -3.28
N ASN B 220 28.78 -11.40 -4.51
CA ASN B 220 29.91 -12.25 -4.96
C ASN B 220 30.61 -11.92 -6.30
N GLY B 221 30.42 -10.72 -6.83
CA GLY B 221 31.15 -10.34 -8.02
C GLY B 221 30.66 -10.87 -9.35
N LYS B 222 30.00 -12.03 -9.39
CA LYS B 222 29.63 -12.69 -10.69
C LYS B 222 28.63 -11.88 -11.53
N ILE B 223 28.88 -11.74 -12.84
CA ILE B 223 27.87 -11.22 -13.75
C ILE B 223 26.84 -12.33 -13.93
N TYR B 224 25.55 -12.00 -13.79
CA TYR B 224 24.47 -12.95 -13.97
C TYR B 224 24.55 -13.88 -15.21
N LYS B 225 24.95 -13.37 -16.38
CA LYS B 225 25.01 -14.23 -17.58
C LYS B 225 26.22 -15.20 -17.64
N GLU B 226 27.16 -15.03 -16.71
CA GLU B 226 28.32 -15.91 -16.58
C GLU B 226 28.20 -16.75 -15.31
N ASP B 227 26.99 -16.79 -14.73
CA ASP B 227 26.74 -17.50 -13.48
C ASP B 227 26.09 -18.91 -13.67
N PRO B 228 26.87 -19.97 -13.38
CA PRO B 228 26.39 -21.35 -13.59
C PRO B 228 25.27 -21.73 -12.63
N VAL B 229 25.02 -20.87 -11.63
CA VAL B 229 23.98 -21.10 -10.64
C VAL B 229 22.64 -20.93 -11.32
N ILE B 230 22.61 -20.12 -12.38
CA ILE B 230 21.38 -19.97 -13.17
C ILE B 230 21.29 -21.11 -14.17
N MET B 231 20.28 -21.93 -14.00
CA MET B 231 19.92 -22.95 -14.98
C MET B 231 19.37 -22.37 -16.29
N SER B 232 18.36 -21.48 -16.20
CA SER B 232 17.73 -20.92 -17.42
C SER B 232 17.12 -19.48 -17.30
N TRP B 233 16.85 -18.85 -18.45
CA TRP B 233 16.03 -17.65 -18.53
C TRP B 233 14.62 -17.97 -19.07
N GLN B 234 13.59 -17.71 -18.28
CA GLN B 234 12.21 -18.03 -18.65
C GLN B 234 11.45 -16.77 -19.05
N ILE B 235 10.96 -16.71 -20.29
CA ILE B 235 10.31 -15.47 -20.83
C ILE B 235 9.33 -14.90 -19.79
N ALA B 236 8.28 -15.65 -19.46
CA ALA B 236 7.17 -15.14 -18.63
C ALA B 236 6.31 -16.21 -17.92
N ASN B 237 5.63 -15.83 -16.85
CA ASN B 237 4.72 -16.79 -16.23
C ASN B 237 3.38 -16.85 -16.97
N ALA B 238 3.16 -17.95 -17.71
CA ALA B 238 1.85 -18.30 -18.24
C ALA B 238 1.24 -17.33 -19.26
N PRO B 239 1.93 -17.06 -20.37
CA PRO B 239 1.35 -16.24 -21.46
C PRO B 239 0.08 -16.86 -22.02
N GLN B 240 -0.93 -16.04 -22.31
CA GLN B 240 -2.25 -16.56 -22.69
C GLN B 240 -2.54 -16.38 -24.15
N GLU B 241 -2.30 -17.44 -24.92
CA GLU B 241 -2.51 -17.41 -26.37
C GLU B 241 -1.78 -16.25 -27.07
N ALA B 242 -0.48 -16.25 -26.87
CA ALA B 242 0.42 -15.40 -27.57
C ALA B 242 0.68 -16.07 -28.91
N PRO B 243 1.09 -15.28 -29.92
CA PRO B 243 1.36 -15.89 -31.22
C PRO B 243 2.80 -16.39 -31.36
N ALA B 244 2.99 -17.37 -32.25
CA ALA B 244 4.28 -18.06 -32.45
C ALA B 244 5.44 -17.14 -32.78
N SER B 245 5.18 -16.14 -33.64
CA SER B 245 6.20 -15.13 -34.00
C SER B 245 6.77 -14.37 -32.78
N TRP B 246 5.90 -14.03 -31.85
CA TRP B 246 6.35 -13.45 -30.60
C TRP B 246 7.35 -14.36 -29.86
N PHE B 247 6.97 -15.62 -29.64
CA PHE B 247 7.84 -16.60 -28.99
C PHE B 247 9.17 -16.75 -29.71
N GLU B 248 9.09 -16.76 -31.05
CA GLU B 248 10.26 -16.89 -31.93
CA GLU B 248 10.26 -16.89 -31.91
C GLU B 248 11.25 -15.76 -31.63
N GLU B 249 10.74 -14.53 -31.62
CA GLU B 249 11.62 -13.40 -31.54
C GLU B 249 12.18 -13.24 -30.14
N ILE B 250 11.33 -13.47 -29.14
CA ILE B 250 11.74 -13.22 -27.77
C ILE B 250 12.81 -14.23 -27.36
N SER B 251 12.59 -15.50 -27.70
CA SER B 251 13.57 -16.54 -27.33
C SER B 251 14.97 -16.18 -27.90
N THR B 252 14.95 -15.82 -29.16
CA THR B 252 16.15 -15.47 -29.86
C THR B 252 16.86 -14.34 -29.18
N PHE B 253 16.14 -13.26 -28.83
CA PHE B 253 16.70 -12.11 -28.10
C PHE B 253 17.38 -12.53 -26.80
N ILE B 254 16.68 -13.33 -26.02
CA ILE B 254 17.22 -13.81 -24.75
C ILE B 254 18.49 -14.63 -24.96
N LYS B 255 18.45 -15.59 -25.89
CA LYS B 255 19.60 -16.47 -26.18
C LYS B 255 20.84 -15.68 -26.53
N LYS B 256 20.65 -14.67 -27.37
CA LYS B 256 21.74 -13.79 -27.74
C LYS B 256 22.33 -12.99 -26.59
N GLY B 257 21.49 -12.65 -25.62
CA GLY B 257 21.95 -11.90 -24.44
C GLY B 257 22.80 -12.73 -23.48
N ALA B 258 22.49 -14.03 -23.39
CA ALA B 258 23.22 -14.96 -22.55
C ALA B 258 23.37 -16.32 -23.22
N PRO B 259 24.40 -16.47 -24.09
CA PRO B 259 24.62 -17.67 -24.94
C PRO B 259 25.01 -18.94 -24.19
N LYS B 260 25.34 -18.85 -22.91
CA LYS B 260 25.74 -20.05 -22.13
C LYS B 260 24.58 -20.79 -21.44
N HIS B 261 23.38 -20.23 -21.51
CA HIS B 261 22.26 -20.62 -20.66
C HIS B 261 21.12 -21.19 -21.42
N LEU B 262 20.39 -22.10 -20.80
CA LEU B 262 19.13 -22.56 -21.41
C LEU B 262 18.08 -21.43 -21.40
N VAL B 263 17.07 -21.57 -22.26
CA VAL B 263 15.96 -20.65 -22.37
C VAL B 263 14.66 -21.45 -22.29
N SER B 264 13.65 -20.89 -21.61
CA SER B 264 12.31 -21.52 -21.41
C SER B 264 11.14 -20.62 -21.66
N ALA B 265 9.95 -21.18 -21.83
CA ALA B 265 8.74 -20.41 -22.22
C ALA B 265 7.70 -20.07 -21.11
N GLY B 266 7.55 -20.95 -20.12
CA GLY B 266 6.60 -20.73 -19.02
C GLY B 266 5.17 -21.06 -19.33
N LEU B 267 4.91 -21.87 -20.36
CA LEU B 267 3.54 -22.24 -20.71
C LEU B 267 2.98 -23.14 -19.68
N GLU B 268 1.65 -23.08 -19.51
CA GLU B 268 0.86 -23.96 -18.65
C GLU B 268 0.56 -25.30 -19.35
N SER B 269 0.35 -25.25 -20.66
CA SER B 269 -0.04 -26.42 -21.47
C SER B 269 -1.38 -26.93 -20.99
N LYS B 270 -2.33 -26.02 -20.78
CA LYS B 270 -3.66 -26.42 -20.30
C LYS B 270 -4.67 -26.73 -21.39
N LEU B 271 -4.31 -26.43 -22.64
CA LEU B 271 -5.23 -26.55 -23.79
C LEU B 271 -4.93 -27.82 -24.59
N ASP B 272 -4.47 -27.68 -25.84
CA ASP B 272 -4.19 -28.86 -26.68
C ASP B 272 -2.74 -28.89 -27.24
N GLU B 273 -2.44 -29.95 -28.00
CA GLU B 273 -1.18 -30.12 -28.67
C GLU B 273 -0.87 -28.98 -29.63
N TYR B 274 -1.90 -28.35 -30.17
CA TYR B 274 -1.69 -27.24 -31.10
C TYR B 274 -1.04 -26.07 -30.35
N ASP B 275 -1.64 -25.75 -29.19
CA ASP B 275 -1.17 -24.70 -28.30
C ASP B 275 0.27 -24.99 -27.89
N PHE B 276 0.51 -26.25 -27.56
CA PHE B 276 1.80 -26.69 -27.06
C PHE B 276 2.92 -26.39 -28.07
N ASP B 277 2.62 -26.62 -29.35
CA ASP B 277 3.61 -26.52 -30.42
C ASP B 277 3.94 -25.05 -30.77
N ARG B 278 2.90 -24.22 -30.86
CA ARG B 278 3.02 -22.77 -31.06
C ARG B 278 4.09 -22.19 -30.11
N ALA B 279 3.98 -22.53 -28.82
CA ALA B 279 4.94 -22.06 -27.85
C ALA B 279 6.31 -22.78 -27.90
N HIS B 280 6.31 -24.09 -28.15
CA HIS B 280 7.51 -24.87 -27.90
C HIS B 280 8.40 -25.15 -29.09
N ASP B 281 7.82 -25.14 -30.29
CA ASP B 281 8.58 -25.48 -31.51
C ASP B 281 9.46 -24.37 -32.11
N HIS B 282 10.57 -24.01 -31.46
CA HIS B 282 11.47 -22.97 -31.99
C HIS B 282 12.87 -23.30 -31.61
N LYS B 283 13.84 -23.00 -32.48
CA LYS B 283 15.28 -23.26 -32.20
C LYS B 283 15.65 -22.89 -30.74
N ASN B 284 15.28 -21.67 -30.30
CA ASN B 284 15.70 -21.16 -28.98
C ASN B 284 14.75 -21.38 -27.79
N ILE B 285 13.90 -22.38 -27.86
CA ILE B 285 13.23 -22.82 -26.67
C ILE B 285 13.83 -24.17 -26.43
N ASP B 286 14.77 -24.24 -25.46
CA ASP B 286 15.52 -25.47 -25.16
C ASP B 286 14.72 -26.66 -24.56
N TYR B 287 13.61 -26.36 -23.87
CA TYR B 287 12.81 -27.41 -23.21
C TYR B 287 11.37 -26.98 -22.90
N THR B 288 10.56 -27.93 -22.42
CA THR B 288 9.10 -27.72 -22.29
C THR B 288 8.61 -27.69 -20.84
N THR B 289 7.43 -27.11 -20.61
CA THR B 289 6.83 -27.01 -19.26
C THR B 289 5.31 -27.20 -19.29
N CYS B 290 4.77 -27.68 -18.17
CA CYS B 290 3.32 -27.67 -17.93
C CYS B 290 3.03 -27.26 -16.48
N HIS B 291 1.83 -26.71 -16.23
CA HIS B 291 1.32 -26.34 -14.86
C HIS B 291 -0.03 -26.95 -14.69
N CYS B 292 -0.27 -27.67 -13.59
CA CYS B 292 -1.58 -28.39 -13.39
C CYS B 292 -2.42 -27.88 -12.19
N TRP B 293 -3.64 -27.39 -12.45
CA TRP B 293 -4.49 -26.76 -11.41
C TRP B 293 -5.95 -27.16 -11.41
N VAL B 294 -6.28 -28.20 -10.62
CA VAL B 294 -7.57 -28.88 -10.69
C VAL B 294 -8.73 -28.07 -10.12
N GLU B 295 -8.51 -27.40 -8.97
CA GLU B 295 -9.57 -26.55 -8.39
C GLU B 295 -9.89 -25.34 -9.27
N ASN B 296 -8.86 -24.53 -9.57
CA ASN B 296 -8.94 -23.36 -10.47
C ASN B 296 -9.68 -23.68 -11.77
N TRP B 297 -9.45 -24.85 -12.38
CA TRP B 297 -10.15 -25.21 -13.63
C TRP B 297 -11.48 -25.90 -13.44
N GLY B 298 -11.95 -25.99 -12.19
CA GLY B 298 -13.28 -26.52 -11.89
C GLY B 298 -13.36 -28.05 -11.93
N ILE B 299 -12.20 -28.71 -11.85
CA ILE B 299 -12.13 -30.17 -11.88
C ILE B 299 -12.29 -30.76 -10.48
N TYR B 300 -11.80 -30.06 -9.45
CA TYR B 300 -11.77 -30.55 -8.06
C TYR B 300 -12.44 -29.55 -7.11
N ASP B 301 -13.22 -30.06 -6.16
CA ASP B 301 -13.88 -29.23 -5.18
C ASP B 301 -13.54 -29.67 -3.75
N PRO B 302 -12.77 -28.83 -3.02
CA PRO B 302 -12.14 -29.16 -1.73
C PRO B 302 -13.11 -29.33 -0.56
N ALA B 303 -14.38 -28.93 -0.75
CA ALA B 303 -15.37 -28.95 0.33
C ALA B 303 -16.23 -30.19 0.22
N ASP B 304 -15.93 -30.98 -0.80
CA ASP B 304 -16.61 -32.23 -1.07
C ASP B 304 -15.73 -33.40 -0.57
N PRO B 305 -16.24 -34.12 0.44
CA PRO B 305 -15.41 -35.17 1.06
C PRO B 305 -15.02 -36.32 0.10
N ASP B 306 -15.90 -36.63 -0.86
CA ASP B 306 -15.68 -37.64 -1.92
C ASP B 306 -14.98 -37.13 -3.19
N GLY B 307 -14.49 -35.89 -3.18
CA GLY B 307 -14.04 -35.26 -4.42
C GLY B 307 -12.70 -35.71 -4.98
N LEU B 308 -11.89 -36.41 -4.18
CA LEU B 308 -10.49 -36.68 -4.55
C LEU B 308 -10.22 -37.63 -5.72
N PRO B 309 -10.90 -38.81 -5.82
CA PRO B 309 -10.41 -39.70 -6.91
C PRO B 309 -10.58 -39.14 -8.32
N HIS B 310 -11.66 -38.40 -8.56
CA HIS B 310 -11.81 -37.71 -9.84
C HIS B 310 -10.61 -36.87 -10.19
N ALA B 311 -10.04 -36.19 -9.20
CA ALA B 311 -8.83 -35.37 -9.38
C ALA B 311 -7.56 -36.20 -9.61
N ASN B 312 -7.47 -37.36 -8.97
CA ASN B 312 -6.35 -38.29 -9.19
C ASN B 312 -6.26 -38.85 -10.62
N GLU B 313 -7.42 -39.17 -11.19
CA GLU B 313 -7.51 -39.60 -12.58
C GLU B 313 -7.05 -38.51 -13.56
N TYR B 314 -7.57 -37.29 -13.36
CA TYR B 314 -7.16 -36.16 -14.18
C TYR B 314 -5.63 -35.94 -14.16
N MET B 315 -5.06 -35.90 -12.96
CA MET B 315 -3.61 -35.77 -12.80
C MET B 315 -2.86 -36.87 -13.55
N HIS B 316 -3.36 -38.08 -13.45
CA HIS B 316 -2.77 -39.21 -14.18
C HIS B 316 -2.74 -39.02 -15.70
N ASP B 317 -3.90 -38.72 -16.31
CA ASP B 317 -3.96 -38.53 -17.78
C ASP B 317 -3.15 -37.34 -18.26
N PHE B 318 -3.25 -36.24 -17.53
CA PHE B 318 -2.50 -35.03 -17.74
C PHE B 318 -0.99 -35.31 -17.89
N LEU B 319 -0.38 -36.05 -16.96
CA LEU B 319 1.07 -36.37 -17.05
C LEU B 319 1.44 -37.15 -18.33
N GLU B 320 0.67 -38.18 -18.63
CA GLU B 320 0.89 -38.94 -19.85
C GLU B 320 0.73 -38.16 -21.16
N SER B 321 -0.38 -37.46 -21.33
CA SER B 321 -0.61 -36.83 -22.61
C SER B 321 0.51 -35.82 -22.88
N ARG B 322 0.87 -35.06 -21.84
CA ARG B 322 1.91 -34.02 -21.99
C ARG B 322 3.33 -34.60 -22.21
N SER B 323 3.60 -35.75 -21.60
CA SER B 323 4.78 -36.55 -21.94
C SER B 323 4.85 -36.85 -23.43
N LYS B 324 3.73 -37.31 -24.02
CA LYS B 324 3.69 -37.60 -25.47
C LYS B 324 3.99 -36.33 -26.29
N TRP B 325 3.39 -35.19 -25.93
CA TRP B 325 3.70 -33.97 -26.68
C TRP B 325 5.18 -33.59 -26.61
N ALA B 326 5.78 -33.72 -25.43
CA ALA B 326 7.22 -33.44 -25.30
C ALA B 326 8.04 -34.41 -26.17
N ALA B 327 7.69 -35.71 -26.13
CA ALA B 327 8.34 -36.71 -27.01
C ALA B 327 8.29 -36.31 -28.52
N GLN B 328 7.11 -35.98 -29.06
CA GLN B 328 6.99 -35.56 -30.47
C GLN B 328 7.97 -34.45 -30.91
N LEU B 329 8.38 -33.57 -29.98
CA LEU B 329 9.31 -32.50 -30.32
C LEU B 329 10.74 -32.88 -29.90
N ASN B 330 10.87 -34.05 -29.29
CA ASN B 330 12.14 -34.56 -28.77
C ASN B 330 12.86 -33.54 -27.84
N LYS B 331 12.15 -33.14 -26.77
CA LYS B 331 12.67 -32.13 -25.83
C LYS B 331 12.22 -32.54 -24.47
N PRO B 332 13.02 -32.19 -23.42
CA PRO B 332 12.63 -32.48 -22.05
C PRO B 332 11.33 -31.78 -21.59
N ILE B 333 10.69 -32.35 -20.56
CA ILE B 333 9.51 -31.75 -19.92
C ILE B 333 9.67 -31.76 -18.39
N VAL B 334 9.22 -30.65 -17.76
CA VAL B 334 9.13 -30.46 -16.28
C VAL B 334 7.74 -29.92 -15.90
N MET B 335 7.15 -30.47 -14.83
CA MET B 335 5.91 -29.94 -14.30
C MET B 335 6.29 -28.86 -13.29
N GLU B 336 6.47 -27.62 -13.77
CA GLU B 336 7.03 -26.53 -12.93
C GLU B 336 6.05 -25.91 -11.93
N GLU B 337 4.73 -26.18 -12.07
CA GLU B 337 3.71 -25.81 -11.07
C GLU B 337 2.68 -26.90 -10.90
N PHE B 338 2.22 -27.07 -9.66
CA PHE B 338 1.00 -27.80 -9.28
C PHE B 338 0.74 -27.64 -7.75
N GLY B 339 -0.51 -27.84 -7.34
CA GLY B 339 -0.86 -27.84 -5.91
C GLY B 339 -2.32 -28.14 -5.59
N MET B 340 -2.64 -28.11 -4.29
CA MET B 340 -3.99 -28.51 -3.72
C MET B 340 -4.30 -27.85 -2.36
N ALA B 341 -5.58 -27.56 -2.11
CA ALA B 341 -6.04 -26.95 -0.82
C ALA B 341 -5.91 -27.86 0.44
N ARG B 342 -6.19 -27.28 1.60
CA ARG B 342 -6.32 -28.06 2.84
C ARG B 342 -7.73 -28.71 2.93
N ASP B 343 -7.98 -29.48 3.99
CA ASP B 343 -9.23 -30.25 4.13
C ASP B 343 -10.48 -29.44 4.51
N ALA B 344 -10.96 -28.67 3.55
CA ALA B 344 -12.13 -27.81 3.73
C ALA B 344 -13.40 -28.61 4.02
N TRP B 345 -13.44 -29.82 3.49
CA TRP B 345 -14.60 -30.71 3.54
C TRP B 345 -14.87 -31.16 4.96
N ARG B 346 -13.90 -30.98 5.87
CA ARG B 346 -14.12 -31.28 7.30
C ARG B 346 -15.06 -30.30 7.99
N ASN B 347 -15.30 -29.15 7.34
CA ASN B 347 -16.14 -28.09 7.87
C ASN B 347 -16.58 -27.18 6.73
N PRO B 348 -17.34 -27.73 5.76
CA PRO B 348 -17.67 -27.06 4.48
C PRO B 348 -18.36 -25.70 4.57
N GLU B 349 -19.17 -25.47 5.60
CA GLU B 349 -19.95 -24.22 5.71
C GLU B 349 -19.21 -23.05 6.37
N ASP B 350 -17.90 -23.21 6.63
CA ASP B 350 -17.12 -22.11 7.16
C ASP B 350 -15.90 -21.78 6.33
N GLU B 351 -15.98 -20.62 5.69
CA GLU B 351 -15.05 -20.23 4.66
C GLU B 351 -13.60 -20.14 5.18
N THR B 352 -13.48 -19.54 6.37
CA THR B 352 -12.20 -19.20 6.95
C THR B 352 -11.47 -20.44 7.44
N TYR B 353 -12.25 -21.46 7.83
CA TYR B 353 -11.72 -22.76 8.26
C TYR B 353 -10.77 -23.38 7.23
N LYS B 354 -11.14 -23.25 5.97
CA LYS B 354 -10.28 -23.57 4.85
C LYS B 354 -8.80 -23.00 4.87
N TYR B 355 -8.54 -21.86 5.53
CA TYR B 355 -7.19 -21.24 5.43
C TYR B 355 -6.31 -21.30 6.68
N LEU B 356 -6.86 -21.80 7.79
CA LEU B 356 -6.08 -21.99 9.03
C LEU B 356 -4.97 -23.04 8.84
N PRO B 357 -3.71 -22.70 9.25
CA PRO B 357 -2.61 -23.68 9.23
C PRO B 357 -2.88 -24.91 10.11
N SER B 358 -3.76 -24.75 11.08
CA SER B 358 -4.08 -25.87 11.94
C SER B 358 -4.96 -26.89 11.21
N THR B 359 -5.65 -26.48 10.14
CA THR B 359 -6.45 -27.42 9.34
C THR B 359 -5.57 -28.47 8.60
N PRO B 360 -5.92 -29.77 8.67
CA PRO B 360 -5.13 -30.87 8.04
C PRO B 360 -5.10 -30.91 6.49
N THR B 361 -4.12 -31.64 5.95
CA THR B 361 -3.90 -31.72 4.52
C THR B 361 -3.95 -33.15 3.98
N SER B 362 -4.90 -33.96 4.43
CA SER B 362 -4.92 -35.34 4.01
CA SER B 362 -4.92 -35.36 4.00
C SER B 362 -5.16 -35.49 2.50
N HIS B 363 -6.25 -34.89 1.97
CA HIS B 363 -6.45 -34.94 0.50
C HIS B 363 -5.18 -34.53 -0.21
N LYS B 364 -4.61 -33.39 0.20
CA LYS B 364 -3.43 -32.83 -0.47
C LYS B 364 -2.21 -33.77 -0.44
N ASP B 365 -2.05 -34.51 0.67
CA ASP B 365 -0.92 -35.44 0.81
C ASP B 365 -0.96 -36.69 -0.13
N GLU B 366 -2.13 -37.32 -0.25
CA GLU B 366 -2.34 -38.41 -1.21
C GLU B 366 -2.15 -37.95 -2.68
N TYR B 367 -2.66 -36.77 -3.00
CA TYR B 367 -2.58 -36.22 -4.36
C TYR B 367 -1.14 -36.00 -4.81
N TYR B 368 -0.39 -35.31 -3.96
CA TYR B 368 1.07 -35.22 -4.04
C TYR B 368 1.76 -36.58 -4.25
N GLN B 369 1.50 -37.53 -3.35
CA GLN B 369 2.31 -38.74 -3.38
C GLN B 369 2.09 -39.57 -4.61
N LYS B 370 0.84 -39.68 -5.03
CA LYS B 370 0.55 -40.42 -6.27
C LYS B 370 1.23 -39.81 -7.50
N ALA B 371 1.17 -38.49 -7.60
CA ALA B 371 1.85 -37.78 -8.68
C ALA B 371 3.39 -37.95 -8.64
N PHE B 372 3.99 -37.87 -7.47
CA PHE B 372 5.41 -38.12 -7.35
C PHE B 372 5.81 -39.48 -7.87
N ASN B 373 5.09 -40.52 -7.43
CA ASN B 373 5.38 -41.92 -7.83
C ASN B 373 5.30 -42.14 -9.31
N GLN B 374 4.37 -41.44 -9.97
CA GLN B 374 4.17 -41.54 -11.40
C GLN B 374 5.35 -40.95 -12.16
N ILE B 375 5.83 -39.79 -11.70
CA ILE B 375 7.00 -39.12 -12.28
C ILE B 375 8.29 -39.95 -12.12
N VAL B 376 8.46 -40.58 -10.96
CA VAL B 376 9.63 -41.40 -10.74
C VAL B 376 9.71 -42.51 -11.84
N SER B 377 8.62 -43.26 -11.98
CA SER B 377 8.39 -44.19 -13.09
C SER B 377 8.81 -43.68 -14.45
N LEU B 378 8.26 -42.52 -14.84
CA LEU B 378 8.49 -41.97 -16.17
C LEU B 378 9.94 -41.54 -16.37
N ALA B 379 10.60 -41.08 -15.31
CA ALA B 379 12.02 -40.66 -15.37
C ALA B 379 13.00 -41.86 -15.42
N SER B 380 12.60 -42.99 -14.81
CA SER B 380 13.29 -44.29 -15.03
C SER B 380 13.48 -44.52 -16.53
N ASN B 381 12.43 -44.26 -17.30
CA ASN B 381 12.42 -44.46 -18.76
C ASN B 381 12.71 -43.22 -19.58
N ARG B 382 13.34 -42.22 -18.93
CA ARG B 382 13.69 -40.91 -19.53
C ARG B 382 12.57 -40.26 -20.33
N SER B 383 11.36 -40.26 -19.78
CA SER B 383 10.19 -39.60 -20.42
C SER B 383 9.67 -38.37 -19.65
N PHE B 384 10.39 -37.94 -18.61
CA PHE B 384 9.99 -36.80 -17.76
C PHE B 384 11.15 -36.44 -16.86
N SER B 385 11.37 -35.14 -16.63
CA SER B 385 12.58 -34.67 -15.93
C SER B 385 12.47 -34.18 -14.45
N GLY B 386 11.25 -34.20 -13.89
CA GLY B 386 11.05 -33.77 -12.49
C GLY B 386 9.92 -32.76 -12.34
N SER B 387 9.95 -31.98 -11.22
CA SER B 387 8.90 -30.98 -10.92
C SER B 387 9.25 -29.89 -9.90
N ASN B 388 8.41 -28.85 -9.91
CA ASN B 388 8.34 -27.83 -8.84
C ASN B 388 6.87 -27.64 -8.31
N PHE B 389 6.65 -28.01 -7.03
CA PHE B 389 5.40 -27.77 -6.36
C PHE B 389 5.18 -26.30 -6.02
N TRP B 390 3.91 -25.88 -6.02
CA TRP B 390 3.54 -24.51 -5.73
C TRP B 390 2.70 -24.46 -4.46
N ALA B 391 3.20 -23.87 -3.35
CA ALA B 391 4.55 -23.23 -3.20
C ALA B 391 5.07 -23.32 -1.73
N TYR B 392 6.36 -23.11 -1.51
CA TYR B 392 6.92 -23.24 -0.12
C TYR B 392 6.68 -21.99 0.72
N GLY B 393 5.98 -22.15 1.84
CA GLY B 393 5.69 -21.05 2.75
C GLY B 393 6.68 -20.86 3.88
N GLY B 394 7.40 -21.94 4.24
CA GLY B 394 8.41 -21.89 5.32
C GLY B 394 7.94 -21.43 6.70
N GLU B 395 8.51 -20.32 7.16
CA GLU B 395 8.17 -19.71 8.46
C GLU B 395 6.89 -18.83 8.48
N GLY B 396 6.52 -18.24 7.34
CA GLY B 396 5.26 -17.50 7.24
C GLY B 396 4.04 -18.29 7.68
N ARG B 397 2.99 -17.55 8.07
CA ARG B 397 1.71 -18.13 8.48
C ARG B 397 0.62 -17.12 8.10
N SER B 398 -0.53 -17.58 7.61
CA SER B 398 -1.66 -16.66 7.23
C SER B 398 -2.41 -15.98 8.37
N THR B 399 -2.07 -16.30 9.61
CA THR B 399 -2.68 -15.66 10.77
C THR B 399 -1.88 -14.41 11.23
N TYR B 400 -0.71 -14.21 10.65
CA TYR B 400 0.22 -13.16 11.04
C TYR B 400 -0.21 -11.81 10.46
N PRO B 401 0.14 -10.69 11.12
CA PRO B 401 -0.21 -9.33 10.62
C PRO B 401 0.72 -8.80 9.49
N PRO B 402 0.17 -7.97 8.56
CA PRO B 402 1.00 -7.40 7.43
C PRO B 402 2.24 -6.64 7.89
N ASN B 403 3.37 -6.75 7.18
CA ASN B 403 4.54 -5.85 7.47
C ASN B 403 4.22 -4.37 7.16
N PRO B 404 5.17 -3.44 7.42
CA PRO B 404 4.88 -2.00 7.15
C PRO B 404 4.45 -1.64 5.69
N TYR B 405 4.70 -2.54 4.74
CA TYR B 405 4.33 -2.28 3.35
C TYR B 405 3.04 -2.99 3.00
N GLY B 406 2.37 -3.54 4.03
CA GLY B 406 1.14 -4.35 3.82
C GLY B 406 1.30 -5.80 3.32
N MET B 407 2.49 -6.38 3.42
CA MET B 407 2.72 -7.72 2.86
C MET B 407 2.65 -8.77 3.96
N VAL B 408 1.88 -9.83 3.72
CA VAL B 408 1.98 -11.05 4.50
C VAL B 408 2.74 -12.05 3.61
N TRP B 409 4.07 -12.13 3.79
CA TRP B 409 4.92 -12.97 2.97
C TRP B 409 4.84 -14.48 3.20
N LEU B 410 4.39 -15.19 2.15
CA LEU B 410 4.36 -16.65 2.11
C LEU B 410 4.25 -17.17 0.64
N GLY B 411 3.76 -18.40 0.46
CA GLY B 411 3.72 -19.05 -0.85
C GLY B 411 2.58 -18.63 -1.76
N ASP B 412 1.57 -17.97 -1.19
CA ASP B 412 0.44 -17.41 -1.94
C ASP B 412 0.61 -15.89 -2.29
N PRO B 413 0.65 -15.53 -3.61
CA PRO B 413 0.74 -14.12 -4.00
C PRO B 413 -0.48 -13.32 -3.52
N PRO B 414 -0.37 -11.97 -3.47
CA PRO B 414 -1.48 -11.19 -2.89
C PRO B 414 -2.69 -10.88 -3.81
N HIS B 415 -2.89 -11.64 -4.90
CA HIS B 415 -4.16 -11.59 -5.62
C HIS B 415 -4.97 -12.79 -5.17
N GLU B 416 -4.44 -13.54 -4.20
CA GLU B 416 -5.13 -14.76 -3.72
C GLU B 416 -5.19 -14.85 -2.18
N PRO B 417 -6.25 -15.48 -1.65
CA PRO B 417 -6.37 -15.54 -0.17
C PRO B 417 -5.07 -16.08 0.47
N HIS B 418 -4.55 -15.42 1.50
CA HIS B 418 -3.34 -15.91 2.16
C HIS B 418 -3.52 -17.34 2.60
N GLY B 419 -2.52 -18.20 2.38
CA GLY B 419 -2.53 -19.53 2.94
C GLY B 419 -3.34 -20.57 2.19
N TRP B 420 -3.75 -20.25 0.97
CA TRP B 420 -4.46 -21.19 0.08
C TRP B 420 -3.74 -22.49 -0.19
N TYR B 421 -2.47 -22.39 -0.63
CA TYR B 421 -1.75 -23.54 -1.19
C TYR B 421 -0.41 -23.75 -0.54
N SER B 422 -0.02 -22.82 0.37
CA SER B 422 1.31 -22.84 1.01
C SER B 422 1.66 -24.17 1.71
N VAL B 423 2.95 -24.54 1.65
CA VAL B 423 3.52 -25.64 2.44
C VAL B 423 4.39 -25.04 3.53
N TYR B 424 3.93 -25.16 4.77
CA TYR B 424 4.64 -24.59 5.93
C TYR B 424 5.72 -25.56 6.38
N SER B 425 6.68 -25.05 7.16
CA SER B 425 7.82 -25.84 7.63
C SER B 425 7.48 -27.08 8.49
N ASN B 426 6.31 -27.11 9.11
CA ASN B 426 5.91 -28.22 10.02
C ASN B 426 4.74 -29.06 9.46
N ASP B 427 4.32 -28.80 8.22
CA ASP B 427 3.19 -29.56 7.65
C ASP B 427 3.55 -31.03 7.41
N THR B 428 2.54 -31.88 7.37
CA THR B 428 2.75 -33.32 7.13
C THR B 428 3.17 -33.69 5.70
N THR B 429 3.00 -32.75 4.78
CA THR B 429 3.41 -32.94 3.39
C THR B 429 4.92 -32.89 3.24
N VAL B 430 5.61 -32.32 4.22
CA VAL B 430 7.07 -32.18 4.11
C VAL B 430 7.75 -33.53 4.00
N GLN B 431 7.31 -34.52 4.78
CA GLN B 431 7.94 -35.84 4.74
C GLN B 431 7.79 -36.44 3.34
N ILE B 432 6.62 -36.24 2.73
CA ILE B 432 6.29 -36.81 1.44
C ILE B 432 7.21 -36.23 0.36
N ILE B 433 7.45 -34.92 0.40
CA ILE B 433 8.36 -34.27 -0.53
C ILE B 433 9.83 -34.73 -0.37
N LYS B 434 10.25 -34.90 0.88
CA LYS B 434 11.59 -35.38 1.21
C LYS B 434 11.84 -36.82 0.66
N ASP B 435 10.79 -37.64 0.65
CA ASP B 435 10.91 -39.01 0.18
C ASP B 435 11.02 -39.03 -1.34
N TYR B 436 10.18 -38.22 -1.98
CA TYR B 436 10.19 -38.10 -3.43
C TYR B 436 11.55 -37.60 -3.93
N ASN B 437 12.10 -36.62 -3.26
CA ASN B 437 13.42 -36.16 -3.64
C ASN B 437 14.50 -37.26 -3.59
N ALA B 438 14.44 -38.06 -2.53
CA ALA B 438 15.35 -39.17 -2.34
C ALA B 438 15.19 -40.25 -3.45
N ASN B 439 13.94 -40.62 -3.76
CA ASN B 439 13.61 -41.54 -4.86
C ASN B 439 14.16 -41.11 -6.21
N LEU B 440 14.09 -39.80 -6.46
CA LEU B 440 14.46 -39.27 -7.77
C LEU B 440 15.98 -39.12 -7.93
N LEU B 441 16.68 -38.89 -6.83
CA LEU B 441 18.15 -38.88 -6.85
C LEU B 441 18.64 -40.31 -7.20
N LYS B 442 18.03 -41.33 -6.60
CA LYS B 442 18.36 -42.74 -6.87
C LYS B 442 18.28 -43.05 -8.38
N VAL B 443 17.19 -42.57 -9.01
CA VAL B 443 16.96 -42.76 -10.45
C VAL B 443 18.07 -42.07 -11.28
N GLN B 444 18.47 -40.87 -10.86
CA GLN B 444 19.57 -40.13 -11.51
C GLN B 444 20.92 -40.86 -11.45
N LYS B 445 21.21 -41.52 -10.32
CA LYS B 445 22.45 -42.32 -10.20
C LYS B 445 22.41 -43.59 -11.07
N GLU B 446 21.22 -44.18 -11.20
CA GLU B 446 21.01 -45.38 -12.01
C GLU B 446 21.27 -45.11 -13.47
N LEU B 447 21.03 -43.87 -13.88
CA LEU B 447 21.17 -43.51 -15.30
C LEU B 447 22.58 -43.06 -15.61
N SER B 448 23.44 -42.99 -14.59
CA SER B 448 24.79 -42.41 -14.76
C SER B 448 25.78 -43.27 -15.53
C1 MAN C . -17.46 15.09 3.07
C2 MAN C . -16.28 14.16 3.35
C3 MAN C . -15.06 14.67 4.14
C4 MAN C . -15.14 16.14 4.57
C5 MAN C . -16.58 16.14 5.04
C6 MAN C . -16.83 17.28 5.99
O1 MAN C . -18.74 14.40 3.08
O2 MAN C . -15.80 13.88 2.08
O3 MAN C . -13.82 14.39 3.47
O4 MAN C . -14.20 16.44 5.61
O5 MAN C . -17.44 16.22 3.92
O6 MAN C . -17.57 18.28 5.32
C1 BMA C . -13.24 17.50 5.45
C2 BMA C . -11.86 17.28 6.11
C3 BMA C . -11.07 16.17 5.46
C4 BMA C . -10.92 16.47 3.98
C5 BMA C . -11.53 17.87 3.73
C6 BMA C . -11.49 18.30 2.28
O2 BMA C . -11.89 17.10 7.52
O3 BMA C . -11.78 14.93 5.56
O4 BMA C . -9.57 16.22 3.54
O5 BMA C . -12.95 17.84 4.09
O6 BMA C . -12.56 17.58 1.65
C1 MAN D . -6.06 -18.74 -12.80
C2 MAN D . -5.46 -17.87 -11.73
C3 MAN D . -3.91 -17.79 -11.66
C4 MAN D . -3.26 -19.13 -11.94
C5 MAN D . -3.81 -19.55 -13.28
C6 MAN D . -3.11 -20.81 -13.79
O1 MAN D . -6.41 -17.96 -13.91
O2 MAN D . -6.00 -18.59 -10.66
O3 MAN D . -3.41 -17.24 -10.43
O4 MAN D . -1.84 -19.00 -11.95
O5 MAN D . -5.19 -19.84 -13.08
O6 MAN D . -4.00 -21.61 -14.56
C1 BMA D . -1.11 -20.13 -11.35
C2 BMA D . 0.28 -19.70 -10.92
C3 BMA D . 0.17 -18.60 -9.84
C4 BMA D . -0.95 -18.90 -8.82
C5 BMA D . -1.35 -20.39 -8.87
C6 BMA D . -2.50 -20.75 -7.94
O2 BMA D . 1.04 -19.33 -12.07
O3 BMA D . -0.09 -17.31 -10.45
O4 BMA D . -0.53 -18.48 -7.52
O5 BMA D . -1.73 -20.78 -10.22
O6 BMA D . -3.75 -20.26 -8.50
#